data_7MO6
#
_entry.id   7MO6
#
_cell.length_a   47.297
_cell.length_b   159.761
_cell.length_c   76.173
_cell.angle_alpha   90.000
_cell.angle_beta   108.000
_cell.angle_gamma   90.000
#
_symmetry.space_group_name_H-M   'P 1 21 1'
#
loop_
_entity.id
_entity.type
_entity.pdbx_description
1 polymer 'GMP synthase [glutamine-hydrolyzing]'
2 water water
#
_entity_poly.entity_id   1
_entity_poly.type   'polypeptide(L)'
_entity_poly.pdbx_seq_one_letter_code
;GMAEEQNPSATFDTILTLDFGSQYTHLITRRLREIGVYSEMLPCTQKLADLPFKPKGIILSGGPYSVYEDGAPHADPAVF
ELGVPVLGICYGLQEIAYRLGKDNVVAGTAREYGHADLNAQRLDNQGHVDKLFAGLEEHVKVWMSHGDKLVKLPEGFHTI
ATTANSEYAGIAHETKPVYGIQFHPEVTHTPDGAKLLRNFAVDICGANPNWTMSKFVDQEILRIRKLVGETDHVLGAVSG
GVDSTVAAKLMKEAIGDRFHAVLVNNGCMRLNECETVAETLNKHLGINLTVVDASKRFLDGLKGVTDPEKKRMFIGATFI
DVFEEEAEKIEALAENSGAKVKWFLQGTLYPDVIESISFKGPSATIKTHHNVGALPKRMIEGQGMKLIEPLRELFKDEVR
QLGRELGIAHELVMRHPFPGPGIAIRVLGEVTPERVDIARKADHIFISMIREAGLYDKISQAYAALDPSKAVGVMGDKRV
YAEIIILRAVETTDFMTARAFPFDNEFLSKCATRIINEVHGVSRVLYDISSKPPATIEME
;
_entity_poly.pdbx_strand_id   A,B
#
# COMPACT_ATOMS: atom_id res chain seq x y z
N GLU A 5 -5.22 -27.36 -3.69
CA GLU A 5 -4.26 -28.19 -4.39
C GLU A 5 -3.03 -28.44 -3.53
N GLN A 6 -2.11 -27.47 -3.52
CA GLN A 6 -0.88 -27.54 -2.74
C GLN A 6 -1.11 -26.81 -1.42
N ASN A 7 -1.73 -27.51 -0.47
CA ASN A 7 -2.00 -26.94 0.83
C ASN A 7 -0.70 -26.68 1.59
N PRO A 8 -0.74 -25.79 2.60
CA PRO A 8 0.47 -25.56 3.40
C PRO A 8 0.95 -26.79 4.17
N SER A 9 0.13 -27.83 4.30
CA SER A 9 0.58 -29.06 4.95
C SER A 9 1.67 -29.76 4.17
N ALA A 10 1.75 -29.54 2.85
CA ALA A 10 2.73 -30.22 2.02
C ALA A 10 3.96 -29.37 1.71
N THR A 11 3.83 -28.05 1.68
CA THR A 11 4.94 -27.18 1.32
C THR A 11 5.81 -26.77 2.48
N PHE A 12 5.32 -26.89 3.72
CA PHE A 12 6.08 -26.53 4.91
C PHE A 12 6.31 -27.76 5.77
N ASP A 13 7.25 -27.62 6.71
CA ASP A 13 7.43 -28.61 7.77
C ASP A 13 6.37 -28.36 8.83
N THR A 14 5.42 -29.28 8.96
CA THR A 14 4.24 -29.09 9.79
C THR A 14 4.22 -30.08 10.93
N ILE A 15 4.10 -29.54 12.15
CA ILE A 15 3.93 -30.36 13.35
C ILE A 15 2.44 -30.66 13.52
N LEU A 16 2.10 -31.93 13.71
CA LEU A 16 0.72 -32.36 13.84
C LEU A 16 0.42 -32.63 15.31
N THR A 17 -0.55 -31.89 15.85
CA THR A 17 -1.02 -32.11 17.22
C THR A 17 -2.27 -32.97 17.19
N LEU A 18 -2.30 -34.00 18.02
CA LEU A 18 -3.46 -34.88 18.17
C LEU A 18 -4.25 -34.45 19.40
N ASP A 19 -5.52 -34.14 19.21
CA ASP A 19 -6.36 -33.54 20.25
C ASP A 19 -6.98 -34.64 21.10
N PHE A 20 -6.74 -34.59 22.41
CA PHE A 20 -7.36 -35.51 23.37
C PHE A 20 -8.47 -34.84 24.17
N GLY A 21 -8.96 -33.69 23.72
CA GLY A 21 -10.13 -33.07 24.31
C GLY A 21 -9.87 -31.90 25.24
N SER A 22 -8.61 -31.54 25.48
CA SER A 22 -8.31 -30.45 26.40
C SER A 22 -8.68 -29.11 25.80
N GLN A 23 -9.08 -28.18 26.68
CA GLN A 23 -9.38 -26.82 26.27
C GLN A 23 -8.13 -26.06 25.82
N TYR A 24 -6.94 -26.58 26.09
CA TYR A 24 -5.69 -25.92 25.75
C TYR A 24 -5.06 -26.45 24.47
N THR A 25 -5.71 -27.41 23.79
CA THR A 25 -5.08 -28.05 22.63
C THR A 25 -4.84 -27.04 21.51
N HIS A 26 -5.79 -26.13 21.29
CA HIS A 26 -5.63 -25.14 20.22
C HIS A 26 -4.43 -24.24 20.47
N LEU A 27 -4.08 -24.00 21.75
CA LEU A 27 -2.95 -23.14 22.06
C LEU A 27 -1.63 -23.76 21.59
N ILE A 28 -1.54 -25.09 21.54
CA ILE A 28 -0.33 -25.74 21.06
C ILE A 28 -0.03 -25.33 19.63
N THR A 29 -1.04 -25.40 18.76
CA THR A 29 -0.87 -24.99 17.38
C THR A 29 -0.53 -23.51 17.28
N ARG A 30 -1.19 -22.69 18.10
CA ARG A 30 -0.95 -21.24 18.04
C ARG A 30 0.48 -20.89 18.40
N ARG A 31 1.02 -21.51 19.46
CA ARG A 31 2.41 -21.25 19.83
C ARG A 31 3.36 -21.66 18.71
N LEU A 32 3.07 -22.79 18.05
CA LEU A 32 3.91 -23.25 16.97
C LEU A 32 3.91 -22.28 15.80
N ARG A 33 2.75 -21.69 15.50
CA ARG A 33 2.69 -20.68 14.45
C ARG A 33 3.54 -19.46 14.80
N GLU A 34 3.47 -19.01 16.06
CA GLU A 34 4.15 -17.79 16.48
C GLU A 34 5.67 -17.94 16.56
N ILE A 35 6.19 -19.16 16.46
CA ILE A 35 7.63 -19.39 16.43
C ILE A 35 8.13 -19.76 15.04
N GLY A 36 7.26 -19.78 14.04
CA GLY A 36 7.68 -19.94 12.66
C GLY A 36 7.41 -21.30 12.04
N VAL A 37 6.79 -22.22 12.77
CA VAL A 37 6.55 -23.58 12.29
C VAL A 37 5.06 -23.72 12.03
N TYR A 38 4.70 -24.08 10.80
CA TYR A 38 3.30 -24.37 10.50
C TYR A 38 2.85 -25.61 11.25
N SER A 39 1.56 -25.66 11.57
CA SER A 39 1.04 -26.74 12.38
C SER A 39 -0.45 -26.90 12.16
N GLU A 40 -0.93 -28.12 12.35
CA GLU A 40 -2.36 -28.42 12.29
C GLU A 40 -2.70 -29.40 13.41
N MET A 41 -3.96 -29.39 13.81
CA MET A 41 -4.44 -30.27 14.86
C MET A 41 -5.61 -31.12 14.35
N LEU A 42 -5.65 -32.37 14.79
CA LEU A 42 -6.68 -33.32 14.42
C LEU A 42 -7.07 -34.11 15.66
N PRO A 43 -8.29 -34.64 15.70
CA PRO A 43 -8.70 -35.45 16.86
C PRO A 43 -7.86 -36.70 16.98
N CYS A 44 -7.85 -37.26 18.20
CA CYS A 44 -7.06 -38.46 18.48
C CYS A 44 -7.54 -39.67 17.72
N THR A 45 -8.75 -39.63 17.16
CA THR A 45 -9.30 -40.74 16.40
C THR A 45 -8.75 -40.83 14.98
N GLN A 46 -7.97 -39.85 14.54
CA GLN A 46 -7.49 -39.80 13.16
C GLN A 46 -6.51 -40.94 12.90
N LYS A 47 -6.80 -41.74 11.88
CA LYS A 47 -5.88 -42.78 11.43
C LYS A 47 -4.78 -42.12 10.62
N LEU A 48 -3.52 -42.36 11.03
CA LEU A 48 -2.40 -41.66 10.41
C LEU A 48 -2.09 -42.17 9.01
N ALA A 49 -2.50 -43.40 8.68
CA ALA A 49 -2.29 -43.92 7.34
C ALA A 49 -3.11 -43.18 6.29
N ASP A 50 -4.15 -42.47 6.70
CA ASP A 50 -4.99 -41.67 5.81
C ASP A 50 -4.60 -40.20 5.79
N LEU A 51 -3.41 -39.86 6.29
CA LEU A 51 -2.99 -38.47 6.34
C LEU A 51 -2.53 -38.01 4.97
N PRO A 52 -2.95 -36.82 4.52
CA PRO A 52 -2.49 -36.31 3.23
C PRO A 52 -1.09 -35.68 3.27
N PHE A 53 -0.41 -35.74 4.40
CA PHE A 53 0.93 -35.18 4.52
C PHE A 53 1.72 -36.00 5.53
N LYS A 54 3.05 -35.92 5.40
CA LYS A 54 3.94 -36.58 6.35
C LYS A 54 4.33 -35.59 7.42
N PRO A 55 3.84 -35.73 8.65
CA PRO A 55 4.15 -34.72 9.68
C PRO A 55 5.61 -34.81 10.12
N LYS A 56 6.25 -33.65 10.21
CA LYS A 56 7.62 -33.59 10.72
C LYS A 56 7.69 -33.98 12.19
N GLY A 57 6.58 -33.92 12.91
CA GLY A 57 6.54 -34.31 14.30
C GLY A 57 5.10 -34.44 14.74
N ILE A 58 4.90 -35.08 15.89
CA ILE A 58 3.58 -35.33 16.43
C ILE A 58 3.56 -34.91 17.89
N ILE A 59 2.50 -34.22 18.29
CA ILE A 59 2.30 -33.78 19.66
C ILE A 59 0.99 -34.39 20.16
N LEU A 60 1.05 -35.06 21.30
CA LEU A 60 -0.13 -35.62 21.96
C LEU A 60 -0.59 -34.64 23.03
N SER A 61 -1.78 -34.09 22.84
CA SER A 61 -2.30 -33.07 23.75
C SER A 61 -2.79 -33.68 25.05
N GLY A 62 -3.23 -32.83 25.97
CA GLY A 62 -3.86 -33.28 27.19
C GLY A 62 -5.34 -33.55 26.99
N GLY A 63 -5.98 -33.98 28.06
CA GLY A 63 -7.38 -34.28 28.03
C GLY A 63 -7.92 -34.67 29.39
N PRO A 64 -9.24 -34.56 29.57
CA PRO A 64 -9.87 -34.92 30.85
C PRO A 64 -10.18 -36.41 30.95
N TYR A 65 -9.13 -37.22 30.93
CA TYR A 65 -9.29 -38.67 30.97
C TYR A 65 -8.13 -39.29 31.72
N SER A 66 -8.29 -40.57 32.06
CA SER A 66 -7.21 -41.41 32.56
C SER A 66 -7.08 -42.60 31.62
N VAL A 67 -5.85 -42.92 31.23
CA VAL A 67 -5.62 -43.77 30.07
C VAL A 67 -6.06 -45.20 30.32
N TYR A 68 -6.03 -45.68 31.56
CA TYR A 68 -6.37 -47.05 31.86
C TYR A 68 -7.84 -47.24 32.25
N GLU A 69 -8.68 -46.24 32.06
CA GLU A 69 -10.09 -46.37 32.38
C GLU A 69 -10.88 -46.90 31.18
N ASP A 70 -12.11 -47.31 31.45
CA ASP A 70 -12.97 -47.83 30.40
C ASP A 70 -13.34 -46.73 29.41
N GLY A 71 -13.25 -47.05 28.12
CA GLY A 71 -13.54 -46.09 27.09
C GLY A 71 -12.56 -44.94 27.00
N ALA A 72 -11.37 -45.10 27.55
CA ALA A 72 -10.39 -44.02 27.53
C ALA A 72 -9.90 -43.77 26.10
N PRO A 73 -9.68 -42.52 25.73
CA PRO A 73 -9.23 -42.23 24.36
C PRO A 73 -7.81 -42.72 24.12
N HIS A 74 -7.55 -43.08 22.87
CA HIS A 74 -6.23 -43.51 22.44
C HIS A 74 -5.96 -43.00 21.04
N ALA A 75 -4.68 -42.77 20.76
CA ALA A 75 -4.26 -42.39 19.42
C ALA A 75 -3.96 -43.65 18.59
N ASP A 76 -3.75 -43.43 17.30
CA ASP A 76 -3.36 -44.52 16.42
C ASP A 76 -2.05 -45.13 16.91
N PRO A 77 -1.96 -46.46 17.05
CA PRO A 77 -0.69 -47.06 17.46
C PRO A 77 0.48 -46.74 16.54
N ALA A 78 0.23 -46.21 15.35
CA ALA A 78 1.27 -45.87 14.40
C ALA A 78 1.97 -44.56 14.70
N VAL A 79 1.60 -43.88 15.79
CA VAL A 79 2.25 -42.60 16.11
C VAL A 79 3.69 -42.83 16.53
N PHE A 80 3.96 -43.90 17.27
CA PHE A 80 5.29 -44.19 17.77
C PHE A 80 6.16 -44.95 16.78
N GLU A 81 5.66 -45.23 15.58
CA GLU A 81 6.43 -45.89 14.53
C GLU A 81 6.46 -45.09 13.23
N LEU A 82 6.05 -43.82 13.25
CA LEU A 82 6.09 -42.98 12.06
C LEU A 82 7.51 -42.55 11.71
N GLY A 83 8.45 -42.62 12.65
CA GLY A 83 9.81 -42.20 12.42
C GLY A 83 10.10 -40.76 12.77
N VAL A 84 9.15 -40.04 13.35
CA VAL A 84 9.33 -38.63 13.71
C VAL A 84 9.18 -38.51 15.22
N PRO A 85 9.79 -37.48 15.82
CA PRO A 85 9.68 -37.31 17.27
C PRO A 85 8.24 -37.12 17.72
N VAL A 86 7.97 -37.49 18.96
CA VAL A 86 6.65 -37.41 19.57
C VAL A 86 6.77 -36.78 20.95
N LEU A 87 5.93 -35.80 21.23
CA LEU A 87 5.90 -35.11 22.52
C LEU A 87 4.52 -35.28 23.13
N GLY A 88 4.43 -36.04 24.22
CA GLY A 88 3.18 -36.22 24.92
C GLY A 88 2.99 -35.21 26.03
N ILE A 89 1.90 -34.44 25.97
CA ILE A 89 1.62 -33.39 26.93
C ILE A 89 0.53 -33.87 27.88
N CYS A 90 0.88 -33.97 29.17
CA CYS A 90 -0.05 -34.35 30.22
C CYS A 90 -0.72 -35.69 29.95
N TYR A 91 -1.90 -35.68 29.32
CA TYR A 91 -2.53 -36.94 28.96
C TYR A 91 -1.75 -37.68 27.88
N GLY A 92 -1.07 -36.93 27.01
CA GLY A 92 -0.16 -37.57 26.07
C GLY A 92 0.97 -38.30 26.77
N LEU A 93 1.39 -37.80 27.93
CA LEU A 93 2.36 -38.52 28.75
C LEU A 93 1.80 -39.85 29.21
N GLN A 94 0.51 -39.90 29.55
CA GLN A 94 -0.11 -41.16 29.95
C GLN A 94 -0.20 -42.11 28.76
N GLU A 95 -0.59 -41.60 27.58
CA GLU A 95 -0.66 -42.44 26.39
C GLU A 95 0.72 -43.01 26.04
N ILE A 96 1.79 -42.26 26.29
CA ILE A 96 3.13 -42.76 26.07
C ILE A 96 3.43 -43.90 27.04
N ALA A 97 3.10 -43.71 28.32
CA ALA A 97 3.31 -44.77 29.31
C ALA A 97 2.41 -45.96 29.10
N TYR A 98 1.31 -45.80 28.35
CA TYR A 98 0.40 -46.91 28.09
C TYR A 98 0.88 -47.74 26.90
N ARG A 99 1.22 -47.09 25.79
CA ARG A 99 1.63 -47.79 24.58
C ARG A 99 3.07 -48.27 24.64
N LEU A 100 3.93 -47.58 25.40
CA LEU A 100 5.35 -47.93 25.46
C LEU A 100 5.82 -48.42 26.82
N GLY A 101 4.95 -48.42 27.84
CA GLY A 101 5.34 -48.91 29.15
C GLY A 101 4.68 -50.21 29.54
N LYS A 102 3.47 -50.44 29.01
CA LYS A 102 2.69 -51.65 29.21
C LYS A 102 2.31 -51.89 30.67
N ASP A 103 2.60 -50.96 31.56
CA ASP A 103 2.25 -51.08 32.98
C ASP A 103 1.61 -49.79 33.45
N ASN A 104 0.65 -49.95 34.36
CA ASN A 104 -0.07 -48.80 34.92
C ASN A 104 0.83 -48.01 35.86
N VAL A 105 1.48 -46.97 35.33
CA VAL A 105 2.39 -46.14 36.12
C VAL A 105 1.77 -44.81 36.49
N VAL A 106 0.53 -44.53 36.08
CA VAL A 106 -0.10 -43.27 36.40
C VAL A 106 -0.60 -43.30 37.84
N ALA A 107 -0.55 -42.14 38.50
CA ALA A 107 -1.02 -42.05 39.88
C ALA A 107 -2.54 -42.09 39.98
N GLY A 108 -3.24 -41.56 38.98
CA GLY A 108 -4.69 -41.55 39.01
C GLY A 108 -5.30 -40.62 40.03
N THR A 109 -4.55 -39.64 40.51
CA THR A 109 -5.05 -38.71 41.51
C THR A 109 -6.01 -37.70 40.84
N ALA A 110 -6.52 -36.78 41.66
CA ALA A 110 -7.50 -35.82 41.17
C ALA A 110 -6.88 -34.90 40.12
N ARG A 111 -7.68 -34.56 39.11
CA ARG A 111 -7.21 -33.69 38.02
C ARG A 111 -7.22 -32.24 38.48
N GLU A 112 -6.24 -31.92 39.33
CA GLU A 112 -6.02 -30.57 39.81
C GLU A 112 -4.86 -29.94 39.05
N TYR A 113 -4.88 -28.61 38.98
CA TYR A 113 -3.85 -27.85 38.28
C TYR A 113 -3.29 -26.79 39.22
N GLY A 114 -2.02 -26.44 39.01
CA GLY A 114 -1.38 -25.44 39.84
C GLY A 114 0.01 -25.12 39.33
N HIS A 115 0.55 -24.02 39.85
CA HIS A 115 1.89 -23.60 39.50
C HIS A 115 2.93 -24.42 40.25
N ALA A 116 4.09 -24.58 39.62
CA ALA A 116 5.22 -25.25 40.25
C ALA A 116 6.50 -24.72 39.63
N ASP A 117 7.61 -24.94 40.33
CA ASP A 117 8.92 -24.46 39.92
C ASP A 117 9.73 -25.64 39.41
N LEU A 118 9.89 -25.73 38.09
CA LEU A 118 10.53 -26.88 37.46
C LEU A 118 12.02 -26.66 37.28
N ASN A 119 12.77 -27.75 37.38
CA ASN A 119 14.21 -27.74 37.18
C ASN A 119 14.60 -28.91 36.29
N ALA A 120 15.49 -28.64 35.33
CA ALA A 120 15.95 -29.70 34.44
C ALA A 120 16.86 -30.67 35.16
N GLN A 121 16.80 -31.93 34.75
CA GLN A 121 17.61 -32.98 35.37
C GLN A 121 19.00 -32.99 34.75
N ARG A 122 20.02 -32.75 35.57
CA ARG A 122 21.40 -32.87 35.11
C ARG A 122 21.70 -34.32 34.78
N LEU A 123 22.23 -34.56 33.58
CA LEU A 123 22.43 -35.91 33.08
C LEU A 123 23.86 -36.41 33.28
N ASP A 124 24.86 -35.56 33.09
CA ASP A 124 26.26 -35.95 33.20
C ASP A 124 26.85 -35.43 34.52
N ASN A 125 28.14 -35.69 34.70
CA ASN A 125 28.95 -35.01 35.70
C ASN A 125 29.42 -33.65 35.22
N GLN A 126 28.73 -33.07 34.25
CA GLN A 126 29.10 -31.79 33.67
C GLN A 126 27.95 -30.80 33.58
N GLY A 127 26.76 -31.17 34.07
CA GLY A 127 25.62 -30.27 34.01
C GLY A 127 24.88 -30.27 32.70
N HIS A 128 24.92 -31.37 31.95
CA HIS A 128 24.20 -31.46 30.70
C HIS A 128 22.74 -31.83 30.95
N VAL A 129 21.84 -31.24 30.15
CA VAL A 129 20.43 -31.52 30.21
C VAL A 129 19.93 -31.82 28.81
N ASP A 130 18.79 -32.51 28.74
CA ASP A 130 18.20 -32.83 27.45
C ASP A 130 17.82 -31.55 26.71
N LYS A 131 18.11 -31.52 25.41
CA LYS A 131 17.94 -30.30 24.63
C LYS A 131 16.50 -29.87 24.48
N LEU A 132 15.53 -30.67 24.95
CA LEU A 132 14.15 -30.20 25.01
C LEU A 132 14.01 -29.05 26.01
N PHE A 133 14.86 -29.04 27.03
CA PHE A 133 14.89 -27.95 28.02
C PHE A 133 16.12 -27.06 27.84
N ALA A 134 16.68 -27.01 26.63
CA ALA A 134 17.76 -26.07 26.34
C ALA A 134 17.23 -24.64 26.47
N GLY A 135 17.87 -23.85 27.32
CA GLY A 135 17.35 -22.55 27.68
C GLY A 135 16.32 -22.58 28.79
N LEU A 136 15.91 -23.77 29.24
CA LEU A 136 14.97 -23.91 30.34
C LEU A 136 15.61 -24.74 31.44
N GLU A 137 16.81 -24.33 31.87
CA GLU A 137 17.61 -25.16 32.77
C GLU A 137 17.03 -25.19 34.18
N GLU A 138 16.89 -24.03 34.80
CA GLU A 138 16.47 -23.97 36.20
C GLU A 138 15.35 -22.95 36.38
N HIS A 139 14.49 -23.21 37.35
CA HIS A 139 13.43 -22.30 37.79
C HIS A 139 12.51 -21.92 36.62
N VAL A 140 11.94 -22.94 36.01
CA VAL A 140 11.00 -22.78 34.91
C VAL A 140 9.59 -22.88 35.49
N LYS A 141 8.86 -21.77 35.48
CA LYS A 141 7.49 -21.76 35.97
C LYS A 141 6.59 -22.47 34.98
N VAL A 142 5.90 -23.51 35.42
CA VAL A 142 5.06 -24.32 34.55
C VAL A 142 3.68 -24.47 35.18
N TRP A 143 2.71 -24.83 34.32
CA TRP A 143 1.33 -25.07 34.74
C TRP A 143 1.15 -26.59 34.83
N MET A 144 1.38 -27.12 36.03
CA MET A 144 1.37 -28.56 36.22
C MET A 144 -0.04 -29.12 36.20
N SER A 145 -0.17 -30.31 35.64
CA SER A 145 -1.41 -31.09 35.66
C SER A 145 -1.18 -32.23 36.65
N HIS A 146 -1.60 -32.03 37.90
CA HIS A 146 -1.32 -32.99 38.95
C HIS A 146 -2.01 -34.34 38.71
N GLY A 147 -3.08 -34.36 37.91
CA GLY A 147 -3.74 -35.61 37.60
C GLY A 147 -3.00 -36.50 36.61
N ASP A 148 -1.88 -36.01 36.06
CA ASP A 148 -1.10 -36.76 35.10
C ASP A 148 0.24 -37.21 35.68
N LYS A 149 0.39 -37.17 37.00
CA LYS A 149 1.63 -37.59 37.63
C LYS A 149 1.82 -39.09 37.51
N LEU A 150 3.05 -39.52 37.27
CA LEU A 150 3.41 -40.92 37.21
C LEU A 150 4.16 -41.32 38.48
N VAL A 151 3.93 -42.55 38.93
CA VAL A 151 4.62 -43.04 40.12
C VAL A 151 5.91 -43.77 39.80
N LYS A 152 6.12 -44.17 38.54
CA LYS A 152 7.33 -44.89 38.16
C LYS A 152 7.65 -44.58 36.71
N LEU A 153 8.94 -44.62 36.39
CA LEU A 153 9.38 -44.35 35.03
C LEU A 153 8.80 -45.40 34.08
N PRO A 154 8.20 -44.99 32.96
CA PRO A 154 7.78 -45.98 31.96
C PRO A 154 8.96 -46.74 31.40
N GLU A 155 8.69 -47.95 30.91
CA GLU A 155 9.72 -48.83 30.40
C GLU A 155 10.48 -48.21 29.24
N GLY A 156 11.76 -47.92 29.44
CA GLY A 156 12.59 -47.32 28.42
C GLY A 156 12.76 -45.81 28.52
N PHE A 157 12.27 -45.19 29.59
CA PHE A 157 12.32 -43.74 29.74
C PHE A 157 13.11 -43.37 31.00
N HIS A 158 13.63 -42.13 30.99
CA HIS A 158 14.40 -41.60 32.10
C HIS A 158 13.96 -40.16 32.36
N THR A 159 14.38 -39.64 33.52
CA THR A 159 13.99 -38.30 33.93
C THR A 159 14.86 -37.25 33.26
N ILE A 160 14.21 -36.16 32.81
CA ILE A 160 14.93 -35.03 32.23
C ILE A 160 14.46 -33.74 32.88
N ALA A 161 13.39 -33.82 33.68
CA ALA A 161 12.85 -32.64 34.35
C ALA A 161 12.20 -33.06 35.66
N THR A 162 12.31 -32.19 36.67
CA THR A 162 11.79 -32.47 37.99
C THR A 162 11.19 -31.23 38.61
N THR A 163 10.13 -31.41 39.38
CA THR A 163 9.63 -30.42 40.32
C THR A 163 9.85 -30.91 41.73
N ALA A 164 9.66 -30.00 42.70
CA ALA A 164 9.88 -30.37 44.09
C ALA A 164 8.92 -31.44 44.58
N ASN A 165 7.75 -31.56 43.94
CA ASN A 165 6.75 -32.53 44.35
C ASN A 165 6.59 -33.69 43.39
N SER A 166 7.16 -33.60 42.18
CA SER A 166 7.05 -34.64 41.16
C SER A 166 8.44 -34.92 40.60
N GLU A 167 8.97 -36.11 40.89
CA GLU A 167 10.28 -36.50 40.39
C GLU A 167 10.29 -36.86 38.92
N TYR A 168 9.13 -37.05 38.30
CA TYR A 168 9.06 -37.42 36.89
C TYR A 168 8.20 -36.42 36.12
N ALA A 169 8.44 -35.12 36.33
CA ALA A 169 7.67 -34.10 35.64
C ALA A 169 7.96 -34.06 34.15
N GLY A 170 9.14 -34.53 33.73
CA GLY A 170 9.47 -34.64 32.32
C GLY A 170 10.35 -35.83 32.06
N ILE A 171 9.97 -36.67 31.10
CA ILE A 171 10.69 -37.89 30.80
C ILE A 171 11.11 -37.88 29.33
N ALA A 172 12.03 -38.79 29.01
CA ALA A 172 12.52 -38.96 27.64
C ALA A 172 12.99 -40.39 27.46
N HIS A 173 12.83 -40.91 26.25
CA HIS A 173 13.21 -42.27 25.95
C HIS A 173 14.74 -42.39 25.88
N GLU A 174 15.22 -43.61 26.10
CA GLU A 174 16.66 -43.85 26.10
C GLU A 174 17.27 -43.61 24.72
N THR A 175 16.64 -44.12 23.68
CA THR A 175 17.15 -44.00 22.32
C THR A 175 16.16 -43.36 21.36
N LYS A 176 14.90 -43.75 21.43
CA LYS A 176 13.90 -43.26 20.48
C LYS A 176 13.55 -41.80 20.79
N PRO A 177 13.11 -41.04 19.78
CA PRO A 177 12.70 -39.64 20.01
C PRO A 177 11.27 -39.53 20.53
N VAL A 178 11.08 -39.92 21.78
CA VAL A 178 9.78 -39.87 22.44
C VAL A 178 9.94 -39.11 23.76
N TYR A 179 9.15 -38.05 23.94
CA TYR A 179 9.26 -37.18 25.09
C TYR A 179 7.90 -36.98 25.74
N GLY A 180 7.90 -36.82 27.06
CA GLY A 180 6.66 -36.58 27.79
C GLY A 180 6.83 -35.57 28.90
N ILE A 181 5.80 -34.74 29.13
CA ILE A 181 5.85 -33.71 30.16
C ILE A 181 4.53 -33.68 30.91
N GLN A 182 4.61 -33.39 32.21
CA GLN A 182 3.46 -33.35 33.10
C GLN A 182 2.90 -31.93 33.24
N PHE A 183 3.13 -31.06 32.26
CA PHE A 183 2.65 -29.68 32.33
C PHE A 183 2.27 -29.22 30.93
N HIS A 184 1.54 -28.11 30.88
CA HIS A 184 1.10 -27.54 29.61
C HIS A 184 2.06 -26.42 29.22
N PRO A 185 2.91 -26.61 28.20
CA PRO A 185 3.74 -25.51 27.72
C PRO A 185 3.04 -24.55 26.78
N GLU A 186 1.75 -24.78 26.50
CA GLU A 186 1.01 -23.94 25.56
C GLU A 186 0.17 -22.86 26.26
N VAL A 187 0.11 -22.86 27.58
CA VAL A 187 -0.69 -21.89 28.31
C VAL A 187 0.21 -20.75 28.77
N THR A 188 -0.40 -19.60 29.03
CA THR A 188 0.35 -18.44 29.50
C THR A 188 0.92 -18.64 30.89
N HIS A 189 0.41 -19.61 31.65
CA HIS A 189 0.97 -19.89 32.97
C HIS A 189 2.40 -20.43 32.88
N THR A 190 2.80 -20.93 31.71
CA THR A 190 4.18 -21.32 31.43
C THR A 190 4.75 -20.30 30.46
N PRO A 191 5.28 -19.17 30.95
CA PRO A 191 5.76 -18.12 30.03
C PRO A 191 6.96 -18.53 29.20
N ASP A 192 7.64 -19.62 29.53
CA ASP A 192 8.74 -20.14 28.73
C ASP A 192 8.34 -21.35 27.89
N GLY A 193 7.04 -21.65 27.82
CA GLY A 193 6.60 -22.81 27.06
C GLY A 193 6.89 -22.71 25.58
N ALA A 194 6.89 -21.49 25.03
CA ALA A 194 7.24 -21.32 23.63
C ALA A 194 8.69 -21.74 23.37
N LYS A 195 9.56 -21.62 24.37
CA LYS A 195 10.93 -22.09 24.22
C LYS A 195 10.98 -23.61 24.15
N LEU A 196 10.14 -24.30 24.94
CA LEU A 196 10.11 -25.76 24.89
C LEU A 196 9.54 -26.27 23.58
N LEU A 197 8.46 -25.64 23.10
CA LEU A 197 7.86 -26.07 21.85
C LEU A 197 8.76 -25.80 20.66
N ARG A 198 9.61 -24.77 20.74
CA ARG A 198 10.58 -24.52 19.68
C ARG A 198 11.72 -25.53 19.72
N ASN A 199 12.13 -25.96 20.92
CA ASN A 199 13.16 -26.99 21.01
C ASN A 199 12.69 -28.30 20.41
N PHE A 200 11.40 -28.63 20.59
CA PHE A 200 10.87 -29.86 20.01
C PHE A 200 10.68 -29.72 18.50
N ALA A 201 10.16 -28.59 18.05
CA ALA A 201 9.86 -28.43 16.63
C ALA A 201 11.13 -28.26 15.81
N VAL A 202 11.96 -27.27 16.17
CA VAL A 202 13.12 -26.94 15.36
C VAL A 202 14.29 -27.89 15.65
N ASP A 203 14.68 -27.98 16.92
CA ASP A 203 15.89 -28.71 17.27
C ASP A 203 15.69 -30.23 17.22
N ILE A 204 14.58 -30.71 17.78
CA ILE A 204 14.38 -32.15 17.88
C ILE A 204 13.81 -32.71 16.59
N CYS A 205 12.70 -32.15 16.10
CA CYS A 205 12.07 -32.65 14.88
C CYS A 205 12.81 -32.21 13.61
N GLY A 206 13.57 -31.12 13.66
CA GLY A 206 14.23 -30.63 12.48
C GLY A 206 13.34 -29.83 11.55
N ALA A 207 12.21 -29.31 12.04
CA ALA A 207 11.32 -28.53 11.20
C ALA A 207 11.93 -27.18 10.86
N ASN A 208 11.70 -26.73 9.62
CA ASN A 208 12.19 -25.44 9.16
C ASN A 208 11.22 -24.35 9.64
N PRO A 209 11.67 -23.46 10.55
CA PRO A 209 10.80 -22.40 11.06
C PRO A 209 10.69 -21.22 10.10
N ASN A 210 10.18 -21.48 8.89
CA ASN A 210 10.08 -20.47 7.84
C ASN A 210 8.64 -20.07 7.56
N TRP A 211 7.68 -20.55 8.34
CA TRP A 211 6.27 -20.22 8.11
C TRP A 211 6.05 -18.74 8.43
N THR A 212 5.85 -17.94 7.40
CA THR A 212 5.54 -16.53 7.54
C THR A 212 4.37 -16.19 6.62
N MET A 213 3.62 -15.15 7.00
CA MET A 213 2.62 -14.64 6.08
C MET A 213 3.26 -13.93 4.89
N SER A 214 4.51 -13.49 5.03
CA SER A 214 5.20 -12.85 3.91
C SER A 214 5.46 -13.85 2.78
N LYS A 215 5.76 -15.11 3.12
CA LYS A 215 5.94 -16.15 2.12
C LYS A 215 4.62 -16.78 1.68
N PHE A 216 3.54 -16.57 2.44
CA PHE A 216 2.27 -17.21 2.15
C PHE A 216 1.42 -16.41 1.16
N VAL A 217 1.75 -15.14 0.91
CA VAL A 217 0.98 -14.31 -0.01
C VAL A 217 0.99 -14.95 -1.39
N ASP A 218 2.17 -14.93 -2.03
CA ASP A 218 2.27 -15.45 -3.40
C ASP A 218 1.87 -16.90 -3.49
N GLN A 219 2.13 -17.70 -2.46
CA GLN A 219 1.76 -19.11 -2.48
C GLN A 219 0.23 -19.26 -2.55
N GLU A 220 -0.48 -18.55 -1.67
CA GLU A 220 -1.94 -18.64 -1.67
C GLU A 220 -2.54 -17.98 -2.91
N ILE A 221 -1.91 -16.93 -3.43
CA ILE A 221 -2.41 -16.28 -4.64
C ILE A 221 -2.36 -17.24 -5.82
N LEU A 222 -1.22 -17.92 -5.99
CA LEU A 222 -1.11 -18.92 -7.04
C LEU A 222 -2.02 -20.12 -6.78
N ARG A 223 -2.27 -20.43 -5.51
CA ARG A 223 -3.16 -21.54 -5.16
C ARG A 223 -4.60 -21.22 -5.56
N ILE A 224 -5.01 -19.96 -5.41
CA ILE A 224 -6.36 -19.56 -5.79
C ILE A 224 -6.51 -19.53 -7.31
N ARG A 225 -5.48 -19.06 -8.02
CA ARG A 225 -5.56 -18.98 -9.47
C ARG A 225 -5.71 -20.35 -10.12
N LYS A 226 -5.11 -21.38 -9.54
CA LYS A 226 -5.20 -22.72 -10.12
C LYS A 226 -6.56 -23.36 -9.82
N LEU A 227 -7.10 -23.11 -8.62
CA LEU A 227 -8.39 -23.70 -8.26
C LEU A 227 -9.53 -23.07 -9.06
N VAL A 228 -9.53 -21.74 -9.17
CA VAL A 228 -10.61 -21.05 -9.87
C VAL A 228 -10.47 -21.24 -11.38
N GLY A 229 -9.24 -21.19 -11.89
CA GLY A 229 -9.01 -21.13 -13.31
C GLY A 229 -8.82 -19.71 -13.77
N GLU A 230 -8.73 -19.54 -15.09
CA GLU A 230 -8.51 -18.24 -15.69
C GLU A 230 -9.70 -17.77 -16.52
N THR A 231 -10.91 -18.25 -16.18
CA THR A 231 -12.11 -17.84 -16.90
C THR A 231 -13.33 -17.89 -15.99
N ASP A 232 -13.22 -18.55 -14.85
CA ASP A 232 -14.33 -18.63 -13.92
C ASP A 232 -14.42 -17.35 -13.09
N HIS A 233 -15.62 -17.09 -12.56
CA HIS A 233 -15.87 -15.96 -11.68
C HIS A 233 -16.25 -16.48 -10.30
N VAL A 234 -15.91 -15.70 -9.28
CA VAL A 234 -16.21 -16.05 -7.90
C VAL A 234 -16.94 -14.86 -7.25
N LEU A 235 -17.81 -15.18 -6.31
CA LEU A 235 -18.58 -14.18 -5.59
C LEU A 235 -18.16 -14.19 -4.13
N GLY A 236 -18.18 -13.02 -3.51
CA GLY A 236 -17.73 -12.88 -2.15
C GLY A 236 -18.50 -11.78 -1.44
N ALA A 237 -18.74 -12.01 -0.15
CA ALA A 237 -19.42 -11.05 0.69
C ALA A 237 -18.39 -10.22 1.45
N VAL A 238 -18.62 -8.92 1.51
CA VAL A 238 -17.74 -7.99 2.22
C VAL A 238 -18.53 -7.29 3.30
N SER A 239 -17.92 -7.14 4.48
CA SER A 239 -18.57 -6.52 5.62
C SER A 239 -17.82 -5.34 6.21
N GLY A 240 -16.62 -5.02 5.71
CA GLY A 240 -15.78 -4.03 6.34
C GLY A 240 -14.91 -4.55 7.45
N GLY A 241 -15.19 -5.76 7.97
CA GLY A 241 -14.32 -6.37 8.95
C GLY A 241 -13.00 -6.80 8.35
N VAL A 242 -12.05 -7.11 9.23
CA VAL A 242 -10.71 -7.45 8.78
C VAL A 242 -10.68 -8.77 8.03
N ASP A 243 -11.56 -9.71 8.39
CA ASP A 243 -11.55 -11.02 7.74
C ASP A 243 -12.11 -10.93 6.32
N SER A 244 -13.25 -10.26 6.17
CA SER A 244 -13.86 -10.12 4.84
C SER A 244 -13.01 -9.25 3.93
N THR A 245 -12.30 -8.27 4.50
CA THR A 245 -11.50 -7.36 3.68
C THR A 245 -10.25 -8.05 3.14
N VAL A 246 -9.53 -8.78 4.00
CA VAL A 246 -8.32 -9.45 3.57
C VAL A 246 -8.64 -10.50 2.52
N ALA A 247 -9.69 -11.30 2.75
CA ALA A 247 -10.07 -12.33 1.80
C ALA A 247 -10.46 -11.73 0.44
N ALA A 248 -11.23 -10.63 0.47
CA ALA A 248 -11.59 -9.96 -0.78
C ALA A 248 -10.36 -9.38 -1.46
N LYS A 249 -9.48 -8.74 -0.68
CA LYS A 249 -8.24 -8.22 -1.26
C LYS A 249 -7.39 -9.36 -1.82
N LEU A 250 -7.33 -10.49 -1.11
CA LEU A 250 -6.57 -11.64 -1.60
C LEU A 250 -7.16 -12.18 -2.90
N MET A 251 -8.50 -12.25 -2.98
CA MET A 251 -9.13 -12.73 -4.20
C MET A 251 -8.90 -11.77 -5.37
N LYS A 252 -8.91 -10.47 -5.10
CA LYS A 252 -8.67 -9.50 -6.18
C LYS A 252 -7.24 -9.57 -6.68
N GLU A 253 -6.27 -9.83 -5.79
CA GLU A 253 -4.90 -10.01 -6.22
C GLU A 253 -4.70 -11.30 -7.00
N ALA A 254 -5.64 -12.24 -6.91
CA ALA A 254 -5.52 -13.52 -7.60
C ALA A 254 -6.17 -13.48 -8.98
N ILE A 255 -7.44 -13.09 -9.06
CA ILE A 255 -8.19 -13.14 -10.30
C ILE A 255 -8.69 -11.78 -10.77
N GLY A 256 -8.49 -10.72 -10.00
CA GLY A 256 -8.88 -9.38 -10.42
C GLY A 256 -10.38 -9.14 -10.46
N ASP A 257 -10.86 -8.53 -11.54
CA ASP A 257 -12.27 -8.22 -11.66
C ASP A 257 -13.15 -9.44 -11.84
N ARG A 258 -12.57 -10.64 -11.98
CA ARG A 258 -13.38 -11.86 -11.99
C ARG A 258 -13.92 -12.20 -10.60
N PHE A 259 -13.43 -11.53 -9.55
CA PHE A 259 -14.00 -11.63 -8.22
C PHE A 259 -14.94 -10.46 -7.98
N HIS A 260 -16.14 -10.76 -7.50
CA HIS A 260 -17.16 -9.75 -7.23
C HIS A 260 -17.44 -9.70 -5.74
N ALA A 261 -17.34 -8.50 -5.17
CA ALA A 261 -17.62 -8.29 -3.75
C ALA A 261 -18.98 -7.61 -3.61
N VAL A 262 -19.80 -8.12 -2.70
CA VAL A 262 -21.17 -7.63 -2.50
C VAL A 262 -21.28 -7.14 -1.06
N LEU A 263 -21.47 -5.84 -0.90
CA LEU A 263 -21.71 -5.24 0.42
C LEU A 263 -23.20 -5.13 0.61
N VAL A 264 -23.76 -6.02 1.44
CA VAL A 264 -25.20 -6.05 1.68
C VAL A 264 -25.51 -5.23 2.93
N ASN A 265 -26.26 -4.15 2.75
CA ASN A 265 -26.72 -3.33 3.86
C ASN A 265 -28.07 -3.87 4.33
N ASN A 266 -28.06 -4.56 5.47
CA ASN A 266 -29.27 -5.13 6.04
C ASN A 266 -30.03 -4.14 6.93
N GLY A 267 -29.69 -2.86 6.87
CA GLY A 267 -30.29 -1.88 7.75
C GLY A 267 -29.83 -1.95 9.18
N CYS A 268 -28.76 -2.69 9.46
CA CYS A 268 -28.23 -2.87 10.81
C CYS A 268 -26.73 -2.69 10.83
N MET A 269 -26.24 -1.71 10.07
CA MET A 269 -24.83 -1.37 10.05
C MET A 269 -24.60 -0.07 10.83
N ARG A 270 -23.34 0.17 11.20
CA ARG A 270 -23.00 1.35 11.98
C ARG A 270 -23.22 2.62 11.14
N LEU A 271 -23.16 3.75 11.82
CA LEU A 271 -23.49 5.04 11.21
C LEU A 271 -22.59 5.33 10.02
N ASN A 272 -23.21 5.44 8.85
CA ASN A 272 -22.54 5.73 7.57
C ASN A 272 -21.49 4.70 7.20
N GLU A 273 -21.48 3.53 7.86
CA GLU A 273 -20.45 2.53 7.59
C GLU A 273 -20.58 1.97 6.17
N CYS A 274 -21.80 1.89 5.65
CA CYS A 274 -21.99 1.38 4.29
C CYS A 274 -21.22 2.20 3.27
N GLU A 275 -21.11 3.50 3.47
CA GLU A 275 -20.38 4.34 2.54
C GLU A 275 -18.87 4.31 2.81
N THR A 276 -18.47 4.29 4.08
CA THR A 276 -17.05 4.23 4.40
C THR A 276 -16.44 2.89 3.99
N VAL A 277 -17.19 1.81 4.13
CA VAL A 277 -16.71 0.51 3.67
C VAL A 277 -16.64 0.50 2.14
N ALA A 278 -17.63 1.10 1.48
CA ALA A 278 -17.62 1.14 0.02
C ALA A 278 -16.43 1.94 -0.50
N GLU A 279 -16.15 3.10 0.11
CA GLU A 279 -15.02 3.90 -0.32
C GLU A 279 -13.70 3.21 -0.02
N THR A 280 -13.62 2.44 1.06
CA THR A 280 -12.39 1.75 1.41
C THR A 280 -12.11 0.61 0.45
N LEU A 281 -13.12 -0.22 0.16
CA LEU A 281 -12.89 -1.40 -0.65
C LEU A 281 -12.84 -1.08 -2.14
N ASN A 282 -13.62 -0.09 -2.59
CA ASN A 282 -13.71 0.16 -4.02
C ASN A 282 -12.63 1.13 -4.49
N LYS A 283 -12.34 2.17 -3.70
CA LYS A 283 -11.39 3.21 -4.07
C LYS A 283 -9.98 2.95 -3.53
N HIS A 284 -9.86 2.62 -2.23
CA HIS A 284 -8.54 2.43 -1.66
C HIS A 284 -7.94 1.08 -2.04
N LEU A 285 -8.75 0.03 -2.07
CA LEU A 285 -8.26 -1.31 -2.36
C LEU A 285 -8.56 -1.77 -3.77
N GLY A 286 -9.38 -1.05 -4.52
CA GLY A 286 -9.64 -1.37 -5.91
C GLY A 286 -10.33 -2.70 -6.13
N ILE A 287 -11.29 -3.05 -5.29
CA ILE A 287 -12.01 -4.31 -5.37
C ILE A 287 -13.30 -4.08 -6.14
N ASN A 288 -13.57 -4.93 -7.13
CA ASN A 288 -14.84 -4.89 -7.86
C ASN A 288 -15.99 -5.08 -6.88
N LEU A 289 -16.70 -4.00 -6.58
CA LEU A 289 -17.68 -3.97 -5.50
C LEU A 289 -19.04 -3.51 -6.00
N THR A 290 -20.09 -4.21 -5.54
CA THR A 290 -21.46 -3.77 -5.73
C THR A 290 -22.15 -3.72 -4.38
N VAL A 291 -23.05 -2.75 -4.22
CA VAL A 291 -23.73 -2.51 -2.96
C VAL A 291 -25.22 -2.81 -3.14
N VAL A 292 -25.76 -3.64 -2.26
CA VAL A 292 -27.17 -4.03 -2.29
C VAL A 292 -27.81 -3.49 -1.02
N ASP A 293 -28.75 -2.55 -1.18
CA ASP A 293 -29.46 -1.98 -0.04
C ASP A 293 -30.70 -2.82 0.23
N ALA A 294 -30.56 -3.81 1.10
CA ALA A 294 -31.66 -4.67 1.54
C ALA A 294 -32.17 -4.29 2.93
N SER A 295 -32.10 -2.99 3.27
CA SER A 295 -32.51 -2.56 4.60
C SER A 295 -33.98 -2.81 4.84
N LYS A 296 -34.83 -2.40 3.90
CA LYS A 296 -36.26 -2.60 4.05
C LYS A 296 -36.64 -4.08 4.02
N ARG A 297 -35.88 -4.89 3.28
CA ARG A 297 -36.20 -6.32 3.20
C ARG A 297 -35.89 -7.03 4.51
N PHE A 298 -34.77 -6.68 5.15
CA PHE A 298 -34.41 -7.30 6.41
C PHE A 298 -35.31 -6.84 7.55
N LEU A 299 -35.51 -5.52 7.66
CA LEU A 299 -36.25 -4.97 8.79
C LEU A 299 -37.73 -5.30 8.74
N ASP A 300 -38.30 -5.45 7.54
CA ASP A 300 -39.71 -5.82 7.43
C ASP A 300 -39.92 -7.26 7.85
N GLY A 301 -39.02 -8.17 7.46
CA GLY A 301 -39.15 -9.56 7.84
C GLY A 301 -38.73 -9.88 9.26
N LEU A 302 -38.05 -8.96 9.94
CA LEU A 302 -37.68 -9.13 11.33
C LEU A 302 -38.76 -8.67 12.29
N LYS A 303 -39.82 -8.04 11.80
CA LYS A 303 -40.91 -7.60 12.66
C LYS A 303 -41.72 -8.80 13.15
N GLY A 304 -42.12 -8.75 14.41
CA GLY A 304 -42.90 -9.82 14.99
C GLY A 304 -42.13 -11.07 15.35
N VAL A 305 -40.80 -11.04 15.23
CA VAL A 305 -39.96 -12.18 15.57
C VAL A 305 -39.24 -11.86 16.87
N THR A 306 -39.68 -12.50 17.96
CA THR A 306 -39.12 -12.26 19.28
C THR A 306 -38.06 -13.28 19.69
N ASP A 307 -38.11 -14.49 19.12
CA ASP A 307 -37.15 -15.53 19.49
C ASP A 307 -35.78 -15.22 18.89
N PRO A 308 -34.72 -15.20 19.69
CA PRO A 308 -33.39 -14.88 19.14
C PRO A 308 -32.87 -15.91 18.15
N GLU A 309 -33.31 -17.16 18.26
CA GLU A 309 -32.87 -18.18 17.31
C GLU A 309 -33.57 -18.03 15.96
N LYS A 310 -34.87 -17.70 15.97
CA LYS A 310 -35.58 -17.49 14.72
C LYS A 310 -35.05 -16.27 13.96
N LYS A 311 -34.54 -15.27 14.68
CA LYS A 311 -33.93 -14.12 14.03
C LYS A 311 -32.72 -14.52 13.21
N ARG A 312 -31.79 -15.24 13.83
CA ARG A 312 -30.58 -15.68 13.14
C ARG A 312 -30.91 -16.58 11.94
N MET A 313 -31.99 -17.35 12.03
CA MET A 313 -32.38 -18.18 10.90
C MET A 313 -32.94 -17.34 9.76
N PHE A 314 -33.64 -16.24 10.09
CA PHE A 314 -34.14 -15.36 9.04
C PHE A 314 -33.02 -14.54 8.43
N ILE A 315 -32.08 -14.06 9.26
CA ILE A 315 -30.97 -13.25 8.76
C ILE A 315 -30.10 -14.08 7.82
N GLY A 316 -29.81 -15.33 8.19
CA GLY A 316 -29.02 -16.18 7.33
C GLY A 316 -29.75 -16.63 6.08
N ALA A 317 -31.07 -16.76 6.16
CA ALA A 317 -31.84 -17.21 5.01
C ALA A 317 -31.95 -16.13 3.95
N THR A 318 -32.17 -14.88 4.37
CA THR A 318 -32.30 -13.78 3.40
C THR A 318 -30.95 -13.29 2.93
N PHE A 319 -29.90 -13.43 3.75
CA PHE A 319 -28.55 -13.15 3.28
C PHE A 319 -28.19 -14.03 2.09
N ILE A 320 -28.49 -15.32 2.18
CA ILE A 320 -28.21 -16.24 1.07
C ILE A 320 -29.08 -15.90 -0.13
N ASP A 321 -30.34 -15.51 0.10
CA ASP A 321 -31.21 -15.13 -1.00
C ASP A 321 -30.67 -13.93 -1.77
N VAL A 322 -30.01 -13.00 -1.08
CA VAL A 322 -29.45 -11.84 -1.76
C VAL A 322 -28.25 -12.25 -2.62
N PHE A 323 -27.38 -13.10 -2.09
CA PHE A 323 -26.21 -13.54 -2.85
C PHE A 323 -26.60 -14.39 -4.04
N GLU A 324 -27.57 -15.29 -3.86
CA GLU A 324 -28.04 -16.10 -4.98
C GLU A 324 -28.68 -15.23 -6.05
N GLU A 325 -29.40 -14.19 -5.64
CA GLU A 325 -29.98 -13.25 -6.61
C GLU A 325 -28.92 -12.32 -7.21
N GLU A 326 -27.85 -12.05 -6.48
CA GLU A 326 -26.80 -11.19 -7.01
C GLU A 326 -25.89 -11.95 -7.97
N ALA A 327 -25.73 -13.26 -7.78
CA ALA A 327 -24.92 -14.06 -8.70
C ALA A 327 -25.56 -14.13 -10.08
N GLU A 328 -26.85 -14.45 -10.13
CA GLU A 328 -27.56 -14.49 -11.40
C GLU A 328 -27.71 -13.10 -12.01
N LYS A 329 -27.64 -12.04 -11.20
CA LYS A 329 -27.64 -10.69 -11.74
C LYS A 329 -26.35 -10.38 -12.47
N ILE A 330 -25.23 -10.93 -12.00
CA ILE A 330 -23.94 -10.71 -12.66
C ILE A 330 -23.80 -11.58 -13.90
N GLU A 331 -24.30 -12.82 -13.83
CA GLU A 331 -24.23 -13.71 -14.99
C GLU A 331 -25.08 -13.21 -16.14
N ALA A 332 -26.16 -12.49 -15.85
CA ALA A 332 -27.06 -12.00 -16.89
C ALA A 332 -26.54 -10.76 -17.60
N LEU A 333 -25.50 -10.12 -17.07
CA LEU A 333 -24.97 -8.90 -17.70
C LEU A 333 -24.31 -9.22 -19.03
N ALA A 334 -24.61 -8.42 -20.04
CA ALA A 334 -23.98 -8.59 -21.35
C ALA A 334 -22.53 -8.14 -21.35
N GLU A 335 -22.15 -7.23 -20.44
CA GLU A 335 -20.75 -6.82 -20.34
C GLU A 335 -19.87 -8.00 -19.96
N ASN A 336 -20.33 -8.84 -19.04
CA ASN A 336 -19.63 -10.07 -18.68
C ASN A 336 -20.06 -11.14 -19.67
N SER A 337 -19.28 -11.29 -20.75
CA SER A 337 -19.64 -12.18 -21.85
C SER A 337 -19.66 -13.64 -21.42
N GLY A 338 -20.83 -14.13 -21.02
CA GLY A 338 -20.98 -15.52 -20.66
C GLY A 338 -20.17 -15.95 -19.46
N ALA A 339 -19.96 -15.05 -18.50
CA ALA A 339 -19.19 -15.38 -17.31
C ALA A 339 -20.09 -16.07 -16.29
N LYS A 340 -19.58 -17.16 -15.72
CA LYS A 340 -20.31 -17.95 -14.73
C LYS A 340 -19.66 -17.78 -13.36
N VAL A 341 -20.46 -17.44 -12.37
CA VAL A 341 -19.98 -17.30 -10.99
C VAL A 341 -20.14 -18.68 -10.34
N LYS A 342 -19.09 -19.48 -10.42
CA LYS A 342 -19.11 -20.87 -9.97
C LYS A 342 -18.53 -21.05 -8.58
N TRP A 343 -18.02 -19.99 -7.94
CA TRP A 343 -17.43 -20.08 -6.62
C TRP A 343 -17.97 -18.99 -5.72
N PHE A 344 -18.09 -19.30 -4.43
CA PHE A 344 -18.53 -18.35 -3.41
C PHE A 344 -17.45 -18.24 -2.35
N LEU A 345 -17.07 -17.00 -2.02
CA LEU A 345 -16.00 -16.74 -1.08
C LEU A 345 -16.53 -16.69 0.34
N GLN A 346 -15.84 -17.37 1.26
CA GLN A 346 -16.16 -17.31 2.68
C GLN A 346 -14.86 -17.14 3.46
N GLY A 347 -14.91 -16.33 4.51
CA GLY A 347 -13.74 -16.05 5.31
C GLY A 347 -13.61 -16.94 6.53
N THR A 348 -13.77 -18.25 6.33
CA THR A 348 -13.66 -19.19 7.43
C THR A 348 -12.20 -19.30 7.88
N LEU A 349 -11.98 -19.21 9.18
CA LEU A 349 -10.65 -19.30 9.76
C LEU A 349 -10.40 -20.71 10.31
N TYR A 350 -9.14 -20.98 10.62
CA TYR A 350 -8.80 -22.28 11.19
C TYR A 350 -9.46 -22.55 12.53
N PRO A 351 -9.64 -21.57 13.43
CA PRO A 351 -10.45 -21.84 14.63
C PRO A 351 -11.85 -22.35 14.33
N ASP A 352 -12.46 -21.87 13.25
CA ASP A 352 -13.77 -22.41 12.85
C ASP A 352 -13.65 -23.89 12.46
N VAL A 353 -12.53 -24.28 11.87
CA VAL A 353 -12.30 -25.69 11.58
C VAL A 353 -12.05 -26.46 12.86
N ILE A 354 -11.29 -25.86 13.79
CA ILE A 354 -10.94 -26.53 15.04
C ILE A 354 -12.19 -26.84 15.85
N GLU A 355 -13.19 -25.95 15.82
CA GLU A 355 -14.43 -26.19 16.55
C GLU A 355 -15.13 -27.45 16.06
N SER A 356 -15.06 -27.72 14.76
CA SER A 356 -15.78 -28.86 14.19
C SER A 356 -15.02 -30.17 14.31
N ILE A 357 -13.72 -30.12 14.60
CA ILE A 357 -12.90 -31.32 14.67
C ILE A 357 -12.32 -31.56 16.06
N SER A 358 -12.56 -30.67 17.01
CA SER A 358 -12.00 -30.85 18.35
C SER A 358 -12.59 -32.09 19.01
N PHE A 359 -11.74 -32.82 19.72
CA PHE A 359 -12.17 -34.05 20.39
C PHE A 359 -13.09 -33.70 21.55
N LYS A 360 -14.32 -34.22 21.52
CA LYS A 360 -15.33 -33.88 22.50
C LYS A 360 -15.78 -35.05 23.37
N GLY A 361 -15.29 -36.26 23.10
CA GLY A 361 -15.66 -37.42 23.90
C GLY A 361 -15.42 -38.73 23.18
N PRO A 362 -15.43 -39.83 23.94
CA PRO A 362 -15.21 -41.15 23.32
C PRO A 362 -16.36 -41.58 22.42
N SER A 363 -17.57 -41.08 22.65
CA SER A 363 -18.67 -41.39 21.75
C SER A 363 -18.42 -40.80 20.36
N ALA A 364 -17.84 -39.60 20.31
CA ALA A 364 -17.43 -38.98 19.05
C ALA A 364 -18.59 -38.82 18.07
N THR A 365 -19.81 -38.76 18.60
CA THR A 365 -20.98 -38.54 17.77
C THR A 365 -21.55 -37.14 18.01
N GLY A 384 -26.41 -25.04 -5.90
CA GLY A 384 -25.21 -25.08 -5.08
C GLY A 384 -24.01 -24.44 -5.76
N MET A 385 -23.52 -23.35 -5.17
CA MET A 385 -22.34 -22.66 -5.66
C MET A 385 -21.12 -23.10 -4.86
N LYS A 386 -20.06 -23.47 -5.58
CA LYS A 386 -18.88 -24.03 -4.93
C LYS A 386 -18.25 -23.00 -3.99
N LEU A 387 -17.54 -23.50 -2.98
CA LEU A 387 -16.94 -22.66 -1.95
C LEU A 387 -15.43 -22.59 -2.14
N ILE A 388 -14.85 -21.46 -1.72
CA ILE A 388 -13.41 -21.27 -1.68
C ILE A 388 -13.08 -20.57 -0.38
N GLU A 389 -12.25 -21.21 0.46
CA GLU A 389 -11.91 -20.72 1.79
C GLU A 389 -10.41 -20.49 1.86
N PRO A 390 -9.92 -19.33 1.43
CA PRO A 390 -8.48 -19.09 1.40
C PRO A 390 -7.86 -18.84 2.75
N LEU A 391 -8.66 -18.60 3.79
CA LEU A 391 -8.15 -18.33 5.14
C LEU A 391 -8.40 -19.49 6.09
N ARG A 392 -8.74 -20.67 5.56
CA ARG A 392 -9.14 -21.80 6.39
C ARG A 392 -7.99 -22.43 7.16
N GLU A 393 -6.77 -21.90 7.07
CA GLU A 393 -5.63 -22.45 7.79
C GLU A 393 -4.92 -21.42 8.65
N LEU A 394 -5.50 -20.23 8.83
CA LEU A 394 -4.83 -19.14 9.53
C LEU A 394 -5.63 -18.74 10.77
N PHE A 395 -4.92 -18.14 11.72
CA PHE A 395 -5.53 -17.58 12.92
C PHE A 395 -5.75 -16.09 12.73
N LYS A 396 -6.31 -15.44 13.76
CA LYS A 396 -6.68 -14.04 13.66
C LYS A 396 -5.45 -13.16 13.43
N ASP A 397 -4.41 -13.35 14.25
CA ASP A 397 -3.22 -12.50 14.13
C ASP A 397 -2.49 -12.74 12.81
N GLU A 398 -2.64 -13.93 12.22
CA GLU A 398 -2.01 -14.21 10.94
C GLU A 398 -2.77 -13.56 9.79
N VAL A 399 -4.08 -13.35 9.94
CA VAL A 399 -4.86 -12.68 8.91
C VAL A 399 -4.55 -11.19 8.89
N ARG A 400 -4.39 -10.58 10.07
CA ARG A 400 -4.01 -9.17 10.13
C ARG A 400 -2.65 -8.95 9.47
N GLN A 401 -1.70 -9.85 9.73
CA GLN A 401 -0.39 -9.74 9.08
C GLN A 401 -0.49 -10.01 7.59
N LEU A 402 -1.39 -10.91 7.18
CA LEU A 402 -1.60 -11.14 5.75
C LEU A 402 -2.15 -9.89 5.08
N GLY A 403 -3.03 -9.16 5.77
CA GLY A 403 -3.52 -7.90 5.22
C GLY A 403 -2.41 -6.86 5.09
N ARG A 404 -1.47 -6.85 6.05
CA ARG A 404 -0.34 -5.95 5.96
C ARG A 404 0.54 -6.27 4.76
N GLU A 405 0.68 -7.55 4.42
CA GLU A 405 1.45 -7.94 3.26
C GLU A 405 0.77 -7.55 1.95
N LEU A 406 -0.55 -7.38 1.97
CA LEU A 406 -1.31 -7.02 0.79
C LEU A 406 -1.47 -5.50 0.63
N GLY A 407 -0.77 -4.72 1.45
CA GLY A 407 -0.84 -3.27 1.36
C GLY A 407 -2.03 -2.64 2.03
N ILE A 408 -2.82 -3.41 2.79
CA ILE A 408 -3.96 -2.84 3.51
C ILE A 408 -3.44 -1.99 4.67
N ALA A 409 -4.11 -0.86 4.92
CA ALA A 409 -3.65 0.07 5.93
C ALA A 409 -3.62 -0.58 7.31
N HIS A 410 -2.72 -0.09 8.15
CA HIS A 410 -2.52 -0.69 9.47
C HIS A 410 -3.73 -0.49 10.38
N GLU A 411 -4.49 0.59 10.19
CA GLU A 411 -5.69 0.77 10.99
C GLU A 411 -6.84 -0.10 10.49
N LEU A 412 -6.94 -0.31 9.18
CA LEU A 412 -8.01 -1.14 8.63
C LEU A 412 -7.87 -2.60 9.04
N VAL A 413 -6.67 -3.06 9.38
CA VAL A 413 -6.47 -4.44 9.82
C VAL A 413 -6.54 -4.59 11.33
N MET A 414 -6.63 -3.49 12.08
CA MET A 414 -6.63 -3.53 13.54
C MET A 414 -8.01 -3.23 14.13
N ARG A 415 -9.05 -3.18 13.31
CA ARG A 415 -10.38 -2.87 13.82
C ARG A 415 -11.08 -4.13 14.30
N HIS A 416 -12.02 -3.93 15.22
CA HIS A 416 -12.73 -5.04 15.84
C HIS A 416 -13.59 -5.76 14.83
N PRO A 417 -13.85 -7.06 15.04
CA PRO A 417 -14.73 -7.79 14.12
C PRO A 417 -16.16 -7.29 14.20
N PHE A 418 -16.89 -7.44 13.09
CA PHE A 418 -18.27 -7.00 13.01
C PHE A 418 -19.10 -8.19 12.54
N PRO A 419 -20.08 -8.65 13.32
CA PRO A 419 -20.84 -9.85 12.93
C PRO A 419 -21.68 -9.60 11.69
N GLY A 420 -22.00 -10.71 11.02
CA GLY A 420 -22.82 -10.69 9.84
C GLY A 420 -24.14 -9.96 10.03
N PRO A 421 -24.95 -10.41 10.99
CA PRO A 421 -26.20 -9.69 11.30
C PRO A 421 -25.98 -8.27 11.79
N GLY A 422 -24.78 -7.94 12.27
CA GLY A 422 -24.51 -6.58 12.70
C GLY A 422 -25.28 -6.21 13.95
N ILE A 423 -25.94 -5.06 13.92
CA ILE A 423 -26.73 -4.59 15.07
C ILE A 423 -27.98 -5.43 15.30
N ALA A 424 -28.35 -6.28 14.34
CA ALA A 424 -29.57 -7.08 14.48
C ALA A 424 -29.46 -8.02 15.68
N ILE A 425 -28.28 -8.60 15.91
CA ILE A 425 -28.05 -9.40 17.12
C ILE A 425 -27.59 -8.53 18.28
N ARG A 426 -27.56 -7.22 18.12
CA ARG A 426 -27.29 -6.30 19.22
C ARG A 426 -28.54 -5.55 19.64
N VAL A 427 -29.71 -6.10 19.32
CA VAL A 427 -31.00 -5.63 19.83
C VAL A 427 -31.70 -6.85 20.41
N LEU A 428 -31.75 -6.94 21.73
CA LEU A 428 -32.30 -8.12 22.40
C LEU A 428 -33.79 -8.21 22.12
N GLY A 429 -34.20 -9.31 21.47
CA GLY A 429 -35.60 -9.52 21.17
C GLY A 429 -36.00 -8.99 19.80
N GLU A 430 -37.16 -8.34 19.73
CA GLU A 430 -37.66 -7.84 18.45
C GLU A 430 -36.77 -6.69 17.95
N VAL A 431 -36.41 -6.76 16.68
CA VAL A 431 -35.59 -5.75 16.04
C VAL A 431 -36.48 -4.84 15.20
N THR A 432 -36.47 -3.56 15.50
CA THR A 432 -37.24 -2.54 14.79
C THR A 432 -36.29 -1.47 14.27
N PRO A 433 -36.71 -0.70 13.26
CA PRO A 433 -35.86 0.41 12.79
C PRO A 433 -35.54 1.42 13.88
N GLU A 434 -36.42 1.62 14.86
CA GLU A 434 -36.15 2.58 15.91
C GLU A 434 -35.12 2.05 16.90
N ARG A 435 -35.27 0.79 17.31
CA ARG A 435 -34.31 0.21 18.26
C ARG A 435 -32.93 0.07 17.64
N VAL A 436 -32.85 -0.13 16.32
CA VAL A 436 -31.56 -0.17 15.66
C VAL A 436 -30.93 1.22 15.62
N ASP A 437 -31.73 2.24 15.33
CA ASP A 437 -31.22 3.60 15.26
C ASP A 437 -30.70 4.06 16.62
N ILE A 438 -31.38 3.67 17.70
CA ILE A 438 -30.91 4.03 19.04
C ILE A 438 -29.62 3.30 19.36
N ALA A 439 -29.56 1.99 19.07
CA ALA A 439 -28.34 1.24 19.30
C ALA A 439 -27.21 1.72 18.41
N ARG A 440 -27.53 2.17 17.18
CA ARG A 440 -26.49 2.70 16.29
C ARG A 440 -25.92 4.00 16.84
N LYS A 441 -26.76 4.83 17.46
CA LYS A 441 -26.29 6.10 18.00
C LYS A 441 -25.54 5.91 19.31
N ALA A 442 -26.02 5.00 20.17
CA ALA A 442 -25.30 4.70 21.40
C ALA A 442 -23.95 4.04 21.12
N ASP A 443 -23.87 3.26 20.05
CA ASP A 443 -22.61 2.61 19.69
C ASP A 443 -21.55 3.62 19.28
N HIS A 444 -21.97 4.68 18.57
CA HIS A 444 -21.00 5.67 18.11
C HIS A 444 -20.32 6.38 19.27
N ILE A 445 -21.09 6.71 20.32
CA ILE A 445 -20.51 7.38 21.47
C ILE A 445 -19.53 6.46 22.19
N PHE A 446 -19.87 5.17 22.30
CA PHE A 446 -19.02 4.25 23.04
C PHE A 446 -17.70 4.02 22.32
N ILE A 447 -17.75 3.77 21.00
CA ILE A 447 -16.53 3.47 20.26
C ILE A 447 -15.67 4.72 20.13
N SER A 448 -16.30 5.89 19.93
CA SER A 448 -15.53 7.12 19.78
C SER A 448 -14.81 7.49 21.07
N MET A 449 -15.48 7.33 22.22
CA MET A 449 -14.82 7.61 23.50
C MET A 449 -13.69 6.62 23.77
N ILE A 450 -13.83 5.38 23.31
CA ILE A 450 -12.75 4.41 23.46
C ILE A 450 -11.54 4.81 22.64
N ARG A 451 -11.76 5.26 21.41
CA ARG A 451 -10.65 5.70 20.57
C ARG A 451 -10.01 6.98 21.11
N GLU A 452 -10.82 7.91 21.59
CA GLU A 452 -10.27 9.14 22.17
C GLU A 452 -9.53 8.86 23.47
N ALA A 453 -9.93 7.83 24.20
CA ALA A 453 -9.20 7.42 25.40
C ALA A 453 -7.99 6.56 25.09
N GLY A 454 -7.71 6.30 23.82
CA GLY A 454 -6.57 5.48 23.44
C GLY A 454 -6.69 4.03 23.86
N LEU A 455 -7.88 3.43 23.69
CA LEU A 455 -8.12 2.07 24.15
C LEU A 455 -8.64 1.14 23.06
N TYR A 456 -8.73 1.61 21.81
CA TYR A 456 -9.33 0.79 20.76
C TYR A 456 -8.48 -0.43 20.44
N ASP A 457 -7.15 -0.29 20.43
CA ASP A 457 -6.27 -1.40 20.13
C ASP A 457 -6.07 -2.34 21.32
N LYS A 458 -6.34 -1.87 22.54
CA LYS A 458 -6.24 -2.68 23.73
C LYS A 458 -7.50 -3.48 24.00
N ILE A 459 -8.50 -3.41 23.12
CA ILE A 459 -9.77 -4.09 23.29
C ILE A 459 -10.00 -4.98 22.07
N SER A 460 -10.45 -6.21 22.32
CA SER A 460 -10.71 -7.15 21.23
C SER A 460 -12.04 -6.85 20.54
N GLN A 461 -13.10 -6.61 21.32
CA GLN A 461 -14.42 -6.32 20.78
C GLN A 461 -15.10 -5.28 21.67
N ALA A 462 -15.83 -4.36 21.03
CA ALA A 462 -16.57 -3.33 21.75
C ALA A 462 -17.75 -2.89 20.90
N TYR A 463 -18.90 -2.73 21.56
CA TYR A 463 -20.12 -2.28 20.89
C TYR A 463 -21.12 -1.82 21.95
N ALA A 464 -22.30 -1.44 21.48
CA ALA A 464 -23.42 -1.09 22.35
C ALA A 464 -24.67 -1.81 21.86
N ALA A 465 -25.45 -2.33 22.80
CA ALA A 465 -26.66 -3.07 22.49
C ALA A 465 -27.85 -2.42 23.19
N LEU A 466 -29.01 -2.49 22.56
CA LEU A 466 -30.24 -1.96 23.13
C LEU A 466 -31.02 -3.07 23.82
N ASP A 467 -31.56 -2.75 24.99
CA ASP A 467 -32.38 -3.66 25.76
C ASP A 467 -33.80 -3.11 25.84
N PRO A 468 -34.81 -3.80 25.29
CA PRO A 468 -36.16 -3.24 25.28
C PRO A 468 -36.82 -3.15 26.65
N SER A 469 -36.20 -3.71 27.69
CA SER A 469 -36.75 -3.59 29.03
C SER A 469 -36.79 -2.12 29.45
N LYS A 470 -37.85 -1.74 30.15
CA LYS A 470 -38.10 -0.36 30.52
C LYS A 470 -37.53 -0.06 31.90
N ALA A 471 -37.05 1.17 32.07
CA ALA A 471 -36.55 1.65 33.35
C ALA A 471 -36.94 3.12 33.52
N VAL A 472 -37.19 3.50 34.77
CA VAL A 472 -37.65 4.87 35.04
C VAL A 472 -36.53 5.86 34.79
N GLY A 473 -36.91 7.03 34.27
CA GLY A 473 -36.00 8.14 34.09
C GLY A 473 -36.66 9.45 34.49
N VAL A 474 -35.89 10.52 34.43
CA VAL A 474 -36.36 11.85 34.82
C VAL A 474 -36.21 12.77 33.61
N MET A 475 -37.34 13.19 33.05
CA MET A 475 -37.38 14.21 32.00
C MET A 475 -37.92 15.48 32.64
N GLY A 476 -37.01 16.39 33.00
CA GLY A 476 -37.39 17.54 33.79
C GLY A 476 -37.68 17.12 35.22
N ASP A 477 -38.96 16.84 35.51
CA ASP A 477 -39.32 16.23 36.79
C ASP A 477 -40.52 15.31 36.64
N LYS A 478 -40.75 14.78 35.45
CA LYS A 478 -41.79 13.79 35.19
C LYS A 478 -41.13 12.44 34.89
N ARG A 479 -41.59 11.40 35.57
CA ARG A 479 -41.00 10.08 35.40
C ARG A 479 -41.40 9.50 34.05
N VAL A 480 -40.40 8.99 33.32
CA VAL A 480 -40.61 8.40 32.00
C VAL A 480 -40.02 7.00 31.99
N TYR A 481 -40.48 6.21 31.02
CA TYR A 481 -39.99 4.84 30.83
C TYR A 481 -39.38 4.74 29.44
N ALA A 482 -38.07 4.55 29.40
CA ALA A 482 -37.33 4.38 28.15
C ALA A 482 -36.63 3.03 28.16
N GLU A 483 -35.91 2.75 27.07
CA GLU A 483 -35.23 1.47 26.93
C GLU A 483 -33.82 1.56 27.51
N ILE A 484 -33.10 0.45 27.45
CA ILE A 484 -31.81 0.31 28.11
C ILE A 484 -30.73 0.05 27.07
N ILE A 485 -29.56 0.66 27.27
CA ILE A 485 -28.38 0.44 26.44
C ILE A 485 -27.39 -0.40 27.23
N ILE A 486 -26.84 -1.43 26.60
CA ILE A 486 -25.89 -2.33 27.23
C ILE A 486 -24.55 -2.16 26.53
N LEU A 487 -23.53 -1.79 27.31
CA LEU A 487 -22.17 -1.65 26.80
C LEU A 487 -21.41 -2.95 26.99
N ARG A 488 -20.59 -3.30 26.00
CA ARG A 488 -19.85 -4.56 26.00
C ARG A 488 -18.48 -4.32 25.39
N ALA A 489 -17.43 -4.56 26.18
CA ALA A 489 -16.06 -4.42 25.69
C ALA A 489 -15.20 -5.45 26.41
N VAL A 490 -14.50 -6.29 25.64
CA VAL A 490 -13.74 -7.39 26.19
C VAL A 490 -12.32 -7.39 25.62
N GLU A 491 -11.38 -7.89 26.41
CA GLU A 491 -10.01 -8.14 25.98
C GLU A 491 -9.83 -9.65 25.83
N THR A 492 -9.31 -10.06 24.67
CA THR A 492 -9.21 -11.47 24.35
C THR A 492 -7.86 -11.76 23.70
N THR A 493 -7.24 -12.86 24.13
CA THR A 493 -6.01 -13.37 23.51
C THR A 493 -6.33 -14.61 22.68
N ASP A 494 -6.74 -15.71 23.32
CA ASP A 494 -7.21 -16.87 22.60
C ASP A 494 -8.63 -16.65 22.11
N PHE A 495 -9.08 -17.54 21.21
CA PHE A 495 -10.41 -17.41 20.65
C PHE A 495 -11.51 -17.78 21.64
N MET A 496 -11.19 -18.58 22.66
CA MET A 496 -12.17 -19.02 23.66
C MET A 496 -11.86 -18.47 25.05
N THR A 497 -11.21 -17.31 25.11
CA THR A 497 -10.88 -16.69 26.39
C THR A 497 -10.97 -15.18 26.24
N ALA A 498 -11.73 -14.54 27.14
CA ALA A 498 -11.91 -13.10 27.10
C ALA A 498 -12.47 -12.64 28.44
N ARG A 499 -12.10 -11.43 28.84
CA ARG A 499 -12.59 -10.82 30.06
C ARG A 499 -13.10 -9.42 29.75
N ALA A 500 -14.10 -8.99 30.51
CA ALA A 500 -14.62 -7.63 30.37
C ALA A 500 -13.50 -6.63 30.62
N PHE A 501 -13.37 -5.67 29.70
CA PHE A 501 -12.26 -4.74 29.77
C PHE A 501 -12.34 -3.89 31.03
N PRO A 502 -11.28 -3.83 31.83
CA PRO A 502 -11.30 -3.02 33.07
C PRO A 502 -11.16 -1.52 32.82
N PHE A 503 -12.27 -0.90 32.43
CA PHE A 503 -12.30 0.53 32.25
C PHE A 503 -12.08 1.26 33.57
N ASP A 504 -11.60 2.49 33.47
CA ASP A 504 -11.64 3.39 34.61
C ASP A 504 -13.09 3.78 34.88
N ASN A 505 -13.51 3.69 36.14
CA ASN A 505 -14.91 3.97 36.46
C ASN A 505 -15.29 5.41 36.16
N GLU A 506 -14.31 6.31 36.05
CA GLU A 506 -14.60 7.66 35.59
C GLU A 506 -14.94 7.67 34.11
N PHE A 507 -14.33 6.77 33.32
CA PHE A 507 -14.64 6.69 31.91
C PHE A 507 -16.04 6.12 31.67
N LEU A 508 -16.41 5.08 32.41
CA LEU A 508 -17.72 4.47 32.24
C LEU A 508 -18.83 5.40 32.73
N SER A 509 -18.57 6.14 33.81
CA SER A 509 -19.59 7.07 34.31
C SER A 509 -19.77 8.25 33.35
N LYS A 510 -18.67 8.79 32.82
CA LYS A 510 -18.78 9.89 31.86
C LYS A 510 -19.39 9.42 30.55
N CYS A 511 -19.18 8.15 30.17
CA CYS A 511 -19.79 7.61 28.98
C CYS A 511 -21.27 7.31 29.19
N ALA A 512 -21.67 6.97 30.42
CA ALA A 512 -23.07 6.66 30.69
C ALA A 512 -23.94 7.92 30.66
N THR A 513 -23.49 8.98 31.34
CA THR A 513 -24.26 10.21 31.35
C THR A 513 -24.29 10.86 29.97
N ARG A 514 -23.25 10.67 29.17
CA ARG A 514 -23.20 11.26 27.84
C ARG A 514 -24.15 10.53 26.88
N ILE A 515 -24.29 9.22 27.03
CA ILE A 515 -25.18 8.47 26.16
C ILE A 515 -26.64 8.81 26.46
N ILE A 516 -26.99 8.92 27.75
CA ILE A 516 -28.37 9.19 28.13
C ILE A 516 -28.79 10.58 27.67
N ASN A 517 -27.88 11.56 27.73
CA ASN A 517 -28.23 12.92 27.37
C ASN A 517 -28.31 13.12 25.87
N GLU A 518 -27.61 12.31 25.08
CA GLU A 518 -27.47 12.55 23.66
C GLU A 518 -28.21 11.55 22.78
N VAL A 519 -28.71 10.45 23.33
CA VAL A 519 -29.46 9.46 22.59
C VAL A 519 -30.89 9.42 23.13
N HIS A 520 -31.86 9.54 22.25
CA HIS A 520 -33.25 9.53 22.67
C HIS A 520 -33.70 8.12 23.03
N GLY A 521 -34.67 8.04 23.94
CA GLY A 521 -35.24 6.76 24.31
C GLY A 521 -34.34 5.87 25.13
N VAL A 522 -33.40 6.45 25.87
CA VAL A 522 -32.48 5.70 26.72
C VAL A 522 -32.55 6.25 28.13
N SER A 523 -33.00 5.43 29.07
CA SER A 523 -33.07 5.82 30.48
C SER A 523 -31.98 5.19 31.34
N ARG A 524 -31.34 4.12 30.87
CA ARG A 524 -30.30 3.45 31.65
C ARG A 524 -29.18 2.99 30.72
N VAL A 525 -27.96 2.97 31.27
CA VAL A 525 -26.79 2.46 30.58
C VAL A 525 -26.10 1.45 31.49
N LEU A 526 -25.99 0.21 31.02
CA LEU A 526 -25.37 -0.86 31.78
C LEU A 526 -24.12 -1.34 31.07
N TYR A 527 -23.17 -1.86 31.86
CA TYR A 527 -21.92 -2.39 31.33
C TYR A 527 -21.82 -3.87 31.64
N ASP A 528 -21.60 -4.68 30.61
CA ASP A 528 -21.48 -6.11 30.78
C ASP A 528 -20.16 -6.46 31.46
N ILE A 529 -20.24 -7.18 32.58
CA ILE A 529 -19.07 -7.60 33.33
C ILE A 529 -18.93 -9.13 33.35
N SER A 530 -19.57 -9.81 32.41
CA SER A 530 -19.52 -11.26 32.32
C SER A 530 -18.31 -11.69 31.49
N SER A 531 -17.55 -12.63 32.01
CA SER A 531 -16.36 -13.12 31.32
C SER A 531 -16.73 -14.19 30.30
N LYS A 532 -15.76 -14.52 29.44
CA LYS A 532 -15.94 -15.52 28.40
C LYS A 532 -15.92 -16.95 28.94
N PRO A 533 -15.08 -17.31 29.91
CA PRO A 533 -15.13 -18.67 30.47
C PRO A 533 -16.52 -19.03 30.95
N PRO A 534 -17.31 -18.08 31.50
CA PRO A 534 -18.73 -18.39 31.74
C PRO A 534 -19.65 -18.02 30.58
N ALA A 535 -19.56 -16.78 30.10
CA ALA A 535 -20.55 -16.23 29.17
C ALA A 535 -19.97 -16.12 27.74
N THR A 536 -20.55 -15.21 26.96
CA THR A 536 -20.24 -15.08 25.54
C THR A 536 -19.92 -13.61 25.22
N ILE A 537 -19.30 -13.40 24.07
CA ILE A 537 -18.92 -12.06 23.61
C ILE A 537 -20.18 -11.28 23.22
N GLU A 538 -20.79 -11.65 22.11
CA GLU A 538 -22.00 -10.98 21.65
C GLU A 538 -23.18 -11.32 22.57
N MET A 539 -24.27 -10.58 22.39
CA MET A 539 -25.43 -10.75 23.26
C MET A 539 -26.30 -11.94 22.83
N GLU A 540 -26.48 -12.14 21.53
CA GLU A 540 -27.28 -13.26 21.04
C GLU A 540 -26.45 -14.19 20.15
N ALA B 3 0.18 2.41 7.38
CA ALA B 3 1.23 1.59 6.77
C ALA B 3 2.56 1.82 7.47
N GLU B 4 3.48 0.87 7.30
CA GLU B 4 4.81 1.00 7.89
C GLU B 4 5.67 1.99 7.11
N GLU B 5 5.52 2.05 5.79
CA GLU B 5 6.23 3.00 4.95
C GLU B 5 5.22 3.77 4.11
N GLN B 6 5.31 5.10 4.14
CA GLN B 6 4.37 5.97 3.46
C GLN B 6 4.83 6.39 2.07
N ASN B 7 5.62 5.55 1.40
CA ASN B 7 6.03 5.86 0.04
C ASN B 7 4.85 5.69 -0.92
N PRO B 8 4.78 6.49 -1.98
CA PRO B 8 3.73 6.29 -2.98
C PRO B 8 3.83 4.94 -3.69
N SER B 9 5.05 4.46 -3.93
CA SER B 9 5.22 3.11 -4.48
C SER B 9 4.95 2.02 -3.46
N ALA B 10 4.90 2.36 -2.16
CA ALA B 10 4.60 1.38 -1.13
C ALA B 10 3.14 1.38 -0.70
N THR B 11 2.38 2.40 -1.09
CA THR B 11 0.96 2.49 -0.74
C THR B 11 0.03 2.48 -1.94
N PHE B 12 0.54 2.59 -3.16
CA PHE B 12 -0.26 2.54 -4.37
C PHE B 12 0.20 1.39 -5.25
N ASP B 13 -0.72 0.86 -6.05
CA ASP B 13 -0.35 -0.12 -7.07
C ASP B 13 0.54 0.55 -8.10
N THR B 14 1.78 0.08 -8.21
CA THR B 14 2.82 0.77 -8.98
C THR B 14 3.20 -0.03 -10.21
N ILE B 15 3.19 0.63 -11.36
CA ILE B 15 3.73 0.05 -12.59
C ILE B 15 5.18 0.50 -12.73
N LEU B 16 6.07 -0.44 -13.02
CA LEU B 16 7.49 -0.14 -13.16
C LEU B 16 7.89 -0.22 -14.63
N THR B 17 8.50 0.86 -15.12
CA THR B 17 9.03 0.91 -16.47
C THR B 17 10.55 0.83 -16.41
N LEU B 18 11.13 -0.07 -17.19
CA LEU B 18 12.57 -0.25 -17.27
C LEU B 18 13.09 0.48 -18.50
N ASP B 19 13.96 1.46 -18.29
CA ASP B 19 14.40 2.36 -19.34
C ASP B 19 15.53 1.72 -20.15
N PHE B 20 15.27 1.48 -21.43
CA PHE B 20 16.27 0.93 -22.34
C PHE B 20 16.94 2.01 -23.19
N GLY B 21 16.65 3.28 -22.95
CA GLY B 21 17.35 4.37 -23.60
C GLY B 21 16.52 5.21 -24.56
N SER B 22 15.25 4.90 -24.75
CA SER B 22 14.42 5.68 -25.64
C SER B 22 14.18 7.09 -25.10
N GLN B 23 14.00 8.04 -26.02
CA GLN B 23 13.61 9.39 -25.65
C GLN B 23 12.15 9.50 -25.26
N TYR B 24 11.37 8.44 -25.46
CA TYR B 24 9.95 8.41 -25.14
C TYR B 24 9.65 7.65 -23.85
N THR B 25 10.69 7.22 -23.12
CA THR B 25 10.45 6.36 -21.96
C THR B 25 9.71 7.10 -20.85
N HIS B 26 10.09 8.36 -20.59
CA HIS B 26 9.41 9.12 -19.54
C HIS B 26 7.95 9.33 -19.86
N LEU B 27 7.59 9.35 -21.15
CA LEU B 27 6.19 9.49 -21.53
C LEU B 27 5.36 8.30 -21.06
N ILE B 28 5.97 7.11 -20.98
CA ILE B 28 5.25 5.94 -20.49
C ILE B 28 4.76 6.18 -19.07
N THR B 29 5.64 6.68 -18.21
CA THR B 29 5.25 6.99 -16.84
C THR B 29 4.21 8.12 -16.81
N ARG B 30 4.42 9.16 -17.63
CA ARG B 30 3.50 10.29 -17.64
C ARG B 30 2.09 9.86 -18.06
N ARG B 31 2.00 8.97 -19.06
CA ARG B 31 0.69 8.47 -19.47
C ARG B 31 0.01 7.71 -18.34
N LEU B 32 0.77 6.88 -17.62
CA LEU B 32 0.20 6.12 -16.52
C LEU B 32 -0.29 7.05 -15.41
N ARG B 33 0.48 8.10 -15.10
CA ARG B 33 0.04 9.06 -14.10
C ARG B 33 -1.23 9.79 -14.53
N GLU B 34 -1.39 10.03 -15.82
CA GLU B 34 -2.56 10.76 -16.31
C GLU B 34 -3.81 9.91 -16.25
N ILE B 35 -3.69 8.62 -16.56
CA ILE B 35 -4.86 7.74 -16.58
C ILE B 35 -5.26 7.29 -15.18
N GLY B 36 -4.37 7.36 -14.21
CA GLY B 36 -4.76 7.12 -12.83
C GLY B 36 -3.90 6.15 -12.04
N VAL B 37 -2.94 5.50 -12.71
CA VAL B 37 -2.11 4.47 -12.07
C VAL B 37 -0.75 5.07 -11.73
N TYR B 38 -0.34 4.95 -10.48
CA TYR B 38 0.98 5.41 -10.09
C TYR B 38 2.06 4.55 -10.74
N SER B 39 3.17 5.18 -11.07
CA SER B 39 4.22 4.48 -11.80
C SER B 39 5.56 5.16 -11.57
N GLU B 40 6.62 4.37 -11.70
CA GLU B 40 8.00 4.85 -11.61
C GLU B 40 8.81 4.23 -12.73
N MET B 41 10.00 4.76 -12.94
CA MET B 41 10.90 4.24 -13.98
C MET B 41 12.30 4.12 -13.42
N LEU B 42 13.01 3.10 -13.89
CA LEU B 42 14.37 2.78 -13.49
C LEU B 42 15.13 2.29 -14.70
N PRO B 43 16.45 2.44 -14.73
CA PRO B 43 17.24 1.95 -15.86
C PRO B 43 17.14 0.43 -15.98
N CYS B 44 17.42 -0.07 -17.19
CA CYS B 44 17.31 -1.50 -17.45
C CYS B 44 18.30 -2.31 -16.63
N THR B 45 19.38 -1.69 -16.15
CA THR B 45 20.37 -2.38 -15.32
C THR B 45 19.91 -2.60 -13.89
N GLN B 46 18.66 -2.25 -13.56
CA GLN B 46 18.17 -2.38 -12.20
C GLN B 46 17.98 -3.86 -11.84
N LYS B 47 18.61 -4.28 -10.74
CA LYS B 47 18.39 -5.62 -10.20
C LYS B 47 17.06 -5.62 -9.46
N LEU B 48 16.07 -6.32 -10.01
CA LEU B 48 14.72 -6.26 -9.46
C LEU B 48 14.63 -6.84 -8.06
N ALA B 49 15.59 -7.68 -7.66
CA ALA B 49 15.56 -8.24 -6.31
C ALA B 49 15.78 -7.18 -5.24
N ASP B 50 16.37 -6.05 -5.58
CA ASP B 50 16.64 -4.98 -4.63
C ASP B 50 15.54 -3.93 -4.58
N LEU B 51 14.39 -4.20 -5.20
CA LEU B 51 13.31 -3.22 -5.21
C LEU B 51 12.64 -3.16 -3.85
N PRO B 52 12.40 -1.97 -3.30
CA PRO B 52 11.67 -1.87 -2.02
C PRO B 52 10.17 -2.10 -2.14
N PHE B 53 9.66 -2.31 -3.35
CA PHE B 53 8.24 -2.56 -3.56
C PHE B 53 8.09 -3.66 -4.61
N LYS B 54 6.91 -4.29 -4.61
CA LYS B 54 6.59 -5.30 -5.60
C LYS B 54 5.71 -4.67 -6.69
N PRO B 55 6.25 -4.38 -7.87
CA PRO B 55 5.44 -3.75 -8.91
C PRO B 55 4.33 -4.69 -9.39
N LYS B 56 3.17 -4.10 -9.65
CA LYS B 56 2.05 -4.86 -10.20
C LYS B 56 2.23 -5.20 -11.67
N GLY B 57 3.20 -4.57 -12.34
CA GLY B 57 3.47 -4.84 -13.73
C GLY B 57 4.75 -4.17 -14.18
N ILE B 58 5.43 -4.74 -15.17
CA ILE B 58 6.69 -4.20 -15.67
C ILE B 58 6.53 -3.89 -17.15
N ILE B 59 6.97 -2.70 -17.55
CA ILE B 59 6.96 -2.28 -18.95
C ILE B 59 8.40 -2.11 -19.41
N LEU B 60 8.78 -2.82 -20.46
CA LEU B 60 10.10 -2.68 -21.06
C LEU B 60 10.03 -1.62 -22.16
N SER B 61 10.73 -0.51 -21.97
CA SER B 61 10.66 0.61 -22.90
C SER B 61 11.48 0.30 -24.16
N GLY B 62 11.62 1.30 -25.03
CA GLY B 62 12.39 1.16 -26.23
C GLY B 62 13.81 1.71 -26.06
N GLY B 63 14.57 1.63 -27.15
CA GLY B 63 15.94 2.08 -27.16
C GLY B 63 16.61 1.88 -28.50
N PRO B 64 17.59 2.72 -28.81
CA PRO B 64 18.29 2.65 -30.11
C PRO B 64 19.33 1.54 -30.16
N TYR B 65 18.87 0.29 -30.05
CA TYR B 65 19.76 -0.86 -30.03
C TYR B 65 19.12 -2.03 -30.74
N SER B 66 19.96 -2.96 -31.17
CA SER B 66 19.54 -4.25 -31.69
C SER B 66 19.95 -5.31 -30.68
N VAL B 67 18.98 -6.10 -30.22
CA VAL B 67 19.18 -6.93 -29.03
C VAL B 67 20.21 -8.03 -29.23
N TYR B 68 20.63 -8.31 -30.46
CA TYR B 68 21.63 -9.33 -30.72
C TYR B 68 22.99 -8.77 -31.11
N GLU B 69 23.21 -7.47 -30.91
CA GLU B 69 24.52 -6.89 -31.19
C GLU B 69 25.39 -6.92 -29.94
N ASP B 70 26.68 -6.66 -30.14
CA ASP B 70 27.63 -6.64 -29.03
C ASP B 70 27.34 -5.47 -28.10
N GLY B 71 27.27 -5.75 -26.80
CA GLY B 71 26.93 -4.73 -25.82
C GLY B 71 25.48 -4.31 -25.83
N ALA B 72 24.59 -5.08 -26.45
CA ALA B 72 23.18 -4.73 -26.48
C ALA B 72 22.63 -4.75 -25.06
N PRO B 73 21.91 -3.70 -24.63
CA PRO B 73 21.39 -3.66 -23.27
C PRO B 73 20.33 -4.72 -23.03
N HIS B 74 20.33 -5.26 -21.82
CA HIS B 74 19.33 -6.23 -21.39
C HIS B 74 18.80 -5.85 -20.01
N ALA B 75 17.64 -6.40 -19.68
CA ALA B 75 17.06 -6.23 -18.36
C ALA B 75 17.42 -7.42 -17.49
N ASP B 76 17.02 -7.35 -16.22
CA ASP B 76 17.17 -8.48 -15.32
C ASP B 76 16.41 -9.68 -15.87
N PRO B 77 17.03 -10.86 -15.96
CA PRO B 77 16.26 -12.05 -16.38
C PRO B 77 15.06 -12.36 -15.49
N ALA B 78 14.98 -11.75 -14.30
CA ALA B 78 13.87 -11.97 -13.39
C ALA B 78 12.61 -11.18 -13.76
N VAL B 79 12.64 -10.41 -14.83
CA VAL B 79 11.43 -9.69 -15.26
C VAL B 79 10.32 -10.69 -15.59
N PHE B 80 10.68 -11.80 -16.24
CA PHE B 80 9.70 -12.80 -16.62
C PHE B 80 9.47 -13.84 -15.53
N GLU B 81 10.46 -14.08 -14.67
CA GLU B 81 10.31 -14.99 -13.54
C GLU B 81 9.54 -14.37 -12.39
N LEU B 82 9.16 -13.10 -12.49
CA LEU B 82 8.58 -12.38 -11.35
C LEU B 82 7.10 -12.72 -11.15
N GLY B 83 6.41 -13.14 -12.19
CA GLY B 83 5.00 -13.48 -12.09
C GLY B 83 4.04 -12.35 -12.36
N VAL B 84 4.54 -11.13 -12.57
CA VAL B 84 3.69 -9.99 -12.90
C VAL B 84 3.67 -9.81 -14.41
N PRO B 85 2.61 -9.24 -14.98
CA PRO B 85 2.56 -9.07 -16.44
C PRO B 85 3.66 -8.16 -16.94
N VAL B 86 4.14 -8.46 -18.15
CA VAL B 86 5.25 -7.73 -18.78
C VAL B 86 4.79 -7.23 -20.14
N LEU B 87 5.09 -5.96 -20.43
CA LEU B 87 4.78 -5.35 -21.72
C LEU B 87 6.06 -4.80 -22.32
N GLY B 88 6.39 -5.21 -23.54
CA GLY B 88 7.60 -4.79 -24.20
C GLY B 88 7.29 -3.80 -25.31
N ILE B 89 7.84 -2.60 -25.17
CA ILE B 89 7.63 -1.52 -26.13
C ILE B 89 8.81 -1.51 -27.08
N CYS B 90 8.56 -1.88 -28.33
CA CYS B 90 9.55 -1.79 -29.40
C CYS B 90 10.81 -2.59 -29.07
N TYR B 91 11.80 -1.96 -28.44
CA TYR B 91 12.99 -2.70 -28.03
C TYR B 91 12.67 -3.70 -26.94
N GLY B 92 11.64 -3.43 -26.14
CA GLY B 92 11.18 -4.44 -25.19
C GLY B 92 10.61 -5.65 -25.88
N LEU B 93 10.07 -5.47 -27.09
CA LEU B 93 9.66 -6.61 -27.91
C LEU B 93 10.86 -7.46 -28.32
N GLN B 94 11.99 -6.80 -28.63
CA GLN B 94 13.20 -7.55 -28.94
C GLN B 94 13.75 -8.27 -27.71
N GLU B 95 13.71 -7.60 -26.55
CA GLU B 95 14.15 -8.24 -25.31
C GLU B 95 13.28 -9.44 -24.96
N ILE B 96 11.98 -9.37 -25.28
CA ILE B 96 11.09 -10.49 -25.03
C ILE B 96 11.45 -11.66 -25.93
N ALA B 97 11.69 -11.39 -27.22
CA ALA B 97 12.09 -12.46 -28.12
C ALA B 97 13.47 -13.00 -27.80
N TYR B 98 14.33 -12.17 -27.19
CA TYR B 98 15.68 -12.61 -26.84
C TYR B 98 15.66 -13.53 -25.63
N ARG B 99 14.96 -13.13 -24.57
CA ARG B 99 14.99 -13.89 -23.32
C ARG B 99 14.05 -15.09 -23.35
N LEU B 100 12.94 -15.01 -24.09
CA LEU B 100 11.94 -16.06 -24.11
C LEU B 100 11.94 -16.90 -25.37
N GLY B 101 12.29 -16.33 -26.52
CA GLY B 101 12.32 -17.07 -27.76
C GLY B 101 13.69 -17.64 -28.08
N LYS B 102 14.73 -16.95 -27.61
CA LYS B 102 16.12 -17.38 -27.74
C LYS B 102 16.63 -17.37 -29.18
N ASP B 103 15.73 -17.41 -30.15
CA ASP B 103 16.11 -17.37 -31.55
C ASP B 103 16.15 -15.94 -32.06
N ASN B 104 17.14 -15.62 -32.89
CA ASN B 104 17.21 -14.32 -33.52
C ASN B 104 16.09 -14.18 -34.56
N VAL B 105 14.96 -13.63 -34.15
CA VAL B 105 13.82 -13.47 -35.04
C VAL B 105 13.58 -12.02 -35.45
N VAL B 106 14.28 -11.07 -34.86
CA VAL B 106 14.10 -9.66 -35.19
C VAL B 106 14.78 -9.38 -36.53
N ALA B 107 14.06 -8.69 -37.41
CA ALA B 107 14.62 -8.25 -38.68
C ALA B 107 15.46 -6.99 -38.44
N GLY B 108 16.73 -7.05 -38.81
CA GLY B 108 17.64 -5.95 -38.55
C GLY B 108 17.43 -4.74 -39.44
N THR B 109 16.20 -4.29 -39.56
CA THR B 109 15.91 -3.11 -40.37
C THR B 109 16.45 -1.85 -39.70
N ALA B 110 16.61 -0.81 -40.50
CA ALA B 110 17.08 0.47 -39.99
C ALA B 110 16.06 1.07 -39.04
N ARG B 111 16.55 1.86 -38.08
CA ARG B 111 15.68 2.45 -37.06
C ARG B 111 14.94 3.63 -37.66
N GLU B 112 13.81 3.34 -38.29
CA GLU B 112 12.93 4.34 -38.87
C GLU B 112 11.54 4.24 -38.25
N TYR B 113 10.87 5.37 -38.13
CA TYR B 113 9.56 5.46 -37.50
C TYR B 113 8.57 6.09 -38.46
N GLY B 114 7.30 5.75 -38.28
CA GLY B 114 6.27 6.28 -39.14
C GLY B 114 4.90 5.83 -38.68
N HIS B 115 3.89 6.54 -39.15
CA HIS B 115 2.50 6.23 -38.82
C HIS B 115 2.03 5.00 -39.59
N ALA B 116 1.16 4.22 -38.96
CA ALA B 116 0.55 3.07 -39.60
C ALA B 116 -0.80 2.78 -38.94
N ASP B 117 -1.65 2.09 -39.69
CA ASP B 117 -2.98 1.71 -39.24
C ASP B 117 -2.92 0.28 -38.71
N LEU B 118 -3.25 0.10 -37.43
CA LEU B 118 -3.16 -1.20 -36.77
C LEU B 118 -4.55 -1.76 -36.53
N ASN B 119 -4.68 -3.07 -36.72
CA ASN B 119 -5.92 -3.78 -36.48
C ASN B 119 -5.67 -4.96 -35.54
N ALA B 120 -6.57 -5.14 -34.57
CA ALA B 120 -6.46 -6.26 -33.66
C ALA B 120 -6.71 -7.57 -34.39
N GLN B 121 -6.10 -8.64 -33.90
CA GLN B 121 -6.20 -9.96 -34.51
C GLN B 121 -7.39 -10.70 -33.93
N ARG B 122 -8.30 -11.15 -34.80
CA ARG B 122 -9.41 -11.98 -34.38
C ARG B 122 -8.89 -13.34 -33.93
N LEU B 123 -9.16 -13.69 -32.67
CA LEU B 123 -8.64 -14.91 -32.08
C LEU B 123 -9.55 -16.12 -32.25
N ASP B 124 -10.80 -15.91 -32.67
CA ASP B 124 -11.76 -16.99 -32.83
C ASP B 124 -12.51 -16.81 -34.14
N ASN B 125 -13.38 -17.78 -34.45
CA ASN B 125 -14.36 -17.59 -35.50
C ASN B 125 -15.45 -16.62 -35.09
N GLN B 126 -15.54 -16.28 -33.80
CA GLN B 126 -16.48 -15.30 -33.30
C GLN B 126 -15.90 -13.88 -33.26
N GLY B 127 -14.58 -13.74 -33.39
CA GLY B 127 -13.97 -12.44 -33.52
C GLY B 127 -13.50 -11.80 -32.23
N HIS B 128 -13.09 -12.59 -31.25
CA HIS B 128 -12.59 -12.02 -30.00
C HIS B 128 -11.19 -11.45 -30.19
N VAL B 129 -10.86 -10.44 -29.39
CA VAL B 129 -9.57 -9.77 -29.45
C VAL B 129 -8.91 -9.84 -28.09
N ASP B 130 -7.60 -9.62 -28.07
CA ASP B 130 -6.85 -9.62 -26.83
C ASP B 130 -7.23 -8.41 -25.98
N LYS B 131 -7.20 -8.59 -24.66
CA LYS B 131 -7.60 -7.53 -23.74
C LYS B 131 -6.70 -6.31 -23.83
N LEU B 132 -5.49 -6.45 -24.35
CA LEU B 132 -4.61 -5.30 -24.50
C LEU B 132 -5.13 -4.31 -25.53
N PHE B 133 -5.99 -4.74 -26.44
CA PHE B 133 -6.56 -3.87 -27.46
C PHE B 133 -8.07 -3.71 -27.29
N ALA B 134 -8.56 -3.82 -26.06
CA ALA B 134 -9.95 -3.55 -25.76
C ALA B 134 -10.24 -2.07 -26.00
N GLY B 135 -11.13 -1.78 -26.96
CA GLY B 135 -11.36 -0.42 -27.40
C GLY B 135 -10.45 0.03 -28.52
N LEU B 136 -9.50 -0.80 -28.94
CA LEU B 136 -8.57 -0.51 -30.01
C LEU B 136 -8.63 -1.60 -31.09
N GLU B 137 -9.85 -2.02 -31.42
CA GLU B 137 -10.02 -3.21 -32.25
C GLU B 137 -9.65 -2.93 -33.71
N GLU B 138 -10.09 -1.80 -34.26
CA GLU B 138 -9.93 -1.54 -35.69
C GLU B 138 -9.45 -0.11 -35.92
N HIS B 139 -8.52 0.03 -36.87
CA HIS B 139 -8.05 1.33 -37.35
C HIS B 139 -7.49 2.18 -36.21
N VAL B 140 -6.35 1.74 -35.70
CA VAL B 140 -5.63 2.43 -34.65
C VAL B 140 -4.36 3.02 -35.26
N LYS B 141 -4.23 4.34 -35.22
CA LYS B 141 -3.03 5.01 -35.71
C LYS B 141 -1.93 4.88 -34.68
N VAL B 142 -0.83 4.24 -35.06
CA VAL B 142 0.28 3.98 -34.14
C VAL B 142 1.56 4.55 -34.72
N TRP B 143 2.52 4.81 -33.83
CA TRP B 143 3.84 5.30 -34.20
C TRP B 143 4.78 4.10 -34.25
N MET B 144 4.86 3.46 -35.41
CA MET B 144 5.60 2.22 -35.55
C MET B 144 7.10 2.46 -35.45
N SER B 145 7.81 1.47 -34.91
CA SER B 145 9.26 1.44 -34.88
C SER B 145 9.70 0.28 -35.78
N HIS B 146 10.06 0.61 -37.02
CA HIS B 146 10.38 -0.42 -38.00
C HIS B 146 11.65 -1.19 -37.65
N GLY B 147 12.56 -0.59 -36.89
CA GLY B 147 13.77 -1.29 -36.49
C GLY B 147 13.55 -2.45 -35.54
N ASP B 148 12.35 -2.57 -34.97
CA ASP B 148 12.02 -3.64 -34.04
C ASP B 148 11.07 -4.66 -34.67
N LYS B 149 11.07 -4.76 -35.99
CA LYS B 149 10.18 -5.67 -36.69
C LYS B 149 10.60 -7.12 -36.46
N LEU B 150 9.61 -8.00 -36.38
CA LEU B 150 9.82 -9.43 -36.18
C LEU B 150 9.32 -10.18 -37.42
N VAL B 151 10.16 -11.07 -37.95
CA VAL B 151 9.77 -11.89 -39.10
C VAL B 151 9.15 -13.22 -38.67
N LYS B 152 9.19 -13.55 -37.39
CA LYS B 152 8.65 -14.82 -36.92
C LYS B 152 8.17 -14.66 -35.49
N LEU B 153 7.09 -15.35 -35.17
CA LEU B 153 6.57 -15.35 -33.80
C LEU B 153 7.59 -16.00 -32.87
N PRO B 154 7.98 -15.33 -31.78
CA PRO B 154 8.83 -15.98 -30.79
C PRO B 154 8.14 -17.20 -30.20
N GLU B 155 8.96 -18.11 -29.68
CA GLU B 155 8.46 -19.39 -29.17
C GLU B 155 7.45 -19.16 -28.04
N GLY B 156 6.25 -19.70 -28.21
CA GLY B 156 5.20 -19.55 -27.23
C GLY B 156 4.35 -18.31 -27.38
N PHE B 157 4.45 -17.59 -28.49
CA PHE B 157 3.72 -16.35 -28.70
C PHE B 157 2.83 -16.46 -29.93
N HIS B 158 1.73 -15.72 -29.90
CA HIS B 158 0.79 -15.64 -31.01
C HIS B 158 0.49 -14.18 -31.31
N THR B 159 -0.06 -13.93 -32.50
CA THR B 159 -0.34 -12.58 -32.95
C THR B 159 -1.63 -12.06 -32.33
N ILE B 160 -1.62 -10.78 -31.92
CA ILE B 160 -2.81 -10.13 -31.40
C ILE B 160 -3.03 -8.81 -32.12
N ALA B 161 -2.05 -8.36 -32.89
CA ALA B 161 -2.17 -7.11 -33.62
C ALA B 161 -1.42 -7.22 -34.94
N THR B 162 -1.94 -6.53 -35.96
CA THR B 162 -1.42 -6.63 -37.32
C THR B 162 -1.57 -5.28 -38.01
N THR B 163 -0.50 -4.84 -38.68
CA THR B 163 -0.54 -3.72 -39.60
C THR B 163 -0.36 -4.23 -41.02
N ALA B 164 -0.31 -3.29 -41.98
CA ALA B 164 -0.20 -3.67 -43.38
C ALA B 164 1.13 -4.37 -43.66
N ASN B 165 2.21 -3.88 -43.05
CA ASN B 165 3.55 -4.40 -43.31
C ASN B 165 4.07 -5.32 -42.21
N SER B 166 3.62 -5.15 -40.97
CA SER B 166 4.11 -5.92 -39.84
C SER B 166 3.05 -6.95 -39.46
N GLU B 167 3.31 -8.21 -39.79
CA GLU B 167 2.39 -9.29 -39.44
C GLU B 167 2.32 -9.51 -37.94
N TYR B 168 3.41 -9.23 -37.23
CA TYR B 168 3.45 -9.43 -35.79
C TYR B 168 3.66 -8.11 -35.06
N ALA B 169 2.81 -7.12 -35.37
CA ALA B 169 2.94 -5.82 -34.70
C ALA B 169 2.65 -5.93 -33.21
N GLY B 170 1.85 -6.92 -32.80
CA GLY B 170 1.59 -7.17 -31.40
C GLY B 170 1.48 -8.66 -31.11
N ILE B 171 2.20 -9.14 -30.10
CA ILE B 171 2.21 -10.56 -29.76
C ILE B 171 1.91 -10.72 -28.27
N ALA B 172 1.31 -11.85 -27.93
CA ALA B 172 1.03 -12.21 -26.55
C ALA B 172 1.38 -13.68 -26.34
N HIS B 173 1.86 -13.98 -25.14
CA HIS B 173 2.21 -15.35 -24.80
C HIS B 173 0.95 -16.21 -24.64
N GLU B 174 1.11 -17.52 -24.82
CA GLU B 174 -0.04 -18.41 -24.77
C GLU B 174 -0.68 -18.46 -23.39
N THR B 175 0.14 -18.53 -22.35
CA THR B 175 -0.36 -18.63 -20.98
C THR B 175 0.14 -17.52 -20.07
N LYS B 176 1.41 -17.15 -20.17
CA LYS B 176 1.95 -16.13 -19.29
C LYS B 176 1.53 -14.73 -19.77
N PRO B 177 1.34 -13.79 -18.85
CA PRO B 177 0.93 -12.43 -19.23
C PRO B 177 2.09 -11.59 -19.76
N VAL B 178 2.68 -12.03 -20.86
CA VAL B 178 3.77 -11.32 -21.52
C VAL B 178 3.24 -10.80 -22.85
N TYR B 179 3.36 -9.49 -23.05
CA TYR B 179 2.86 -8.82 -24.24
C TYR B 179 3.97 -8.00 -24.87
N GLY B 180 3.93 -7.90 -26.19
CA GLY B 180 4.91 -7.10 -26.92
C GLY B 180 4.31 -6.39 -28.10
N ILE B 181 4.71 -5.13 -28.33
CA ILE B 181 4.21 -4.33 -29.44
C ILE B 181 5.37 -3.62 -30.10
N GLN B 182 5.26 -3.44 -31.43
CA GLN B 182 6.29 -2.82 -32.23
C GLN B 182 6.13 -1.31 -32.35
N PHE B 183 5.09 -0.74 -31.75
CA PHE B 183 4.83 0.68 -31.81
C PHE B 183 4.99 1.33 -30.44
N HIS B 184 5.06 2.66 -30.44
CA HIS B 184 5.19 3.44 -29.22
C HIS B 184 3.81 3.94 -28.81
N PRO B 185 3.17 3.36 -27.80
CA PRO B 185 1.86 3.84 -27.36
C PRO B 185 1.90 5.05 -26.43
N GLU B 186 3.08 5.63 -26.18
CA GLU B 186 3.21 6.74 -25.25
C GLU B 186 3.35 8.10 -25.92
N VAL B 187 3.53 8.14 -27.23
CA VAL B 187 3.71 9.41 -27.94
C VAL B 187 2.37 9.89 -28.47
N THR B 188 2.32 11.18 -28.83
CA THR B 188 1.11 11.74 -29.40
C THR B 188 0.80 11.15 -30.77
N HIS B 189 1.82 10.66 -31.48
CA HIS B 189 1.59 10.03 -32.77
C HIS B 189 0.77 8.75 -32.65
N THR B 190 0.66 8.20 -31.44
CA THR B 190 -0.31 7.15 -31.13
C THR B 190 -1.35 7.75 -30.21
N PRO B 191 -2.46 8.29 -30.74
CA PRO B 191 -3.41 8.99 -29.86
C PRO B 191 -4.15 8.06 -28.90
N ASP B 192 -4.51 6.86 -29.36
CA ASP B 192 -5.22 5.90 -28.52
C ASP B 192 -4.29 5.07 -27.65
N GLY B 193 -3.02 5.45 -27.54
CA GLY B 193 -2.08 4.67 -26.75
C GLY B 193 -2.38 4.67 -25.27
N ALA B 194 -3.01 5.74 -24.77
CA ALA B 194 -3.36 5.79 -23.36
C ALA B 194 -4.39 4.72 -23.00
N LYS B 195 -5.22 4.32 -23.97
CA LYS B 195 -6.15 3.22 -23.72
C LYS B 195 -5.42 1.89 -23.61
N LEU B 196 -4.36 1.69 -24.40
CA LEU B 196 -3.59 0.46 -24.32
C LEU B 196 -2.83 0.37 -23.01
N LEU B 197 -2.26 1.49 -22.56
CA LEU B 197 -1.53 1.48 -21.30
C LEU B 197 -2.46 1.27 -20.11
N ARG B 198 -3.73 1.69 -20.23
CA ARG B 198 -4.69 1.40 -19.17
C ARG B 198 -5.17 -0.05 -19.25
N ASN B 199 -5.30 -0.58 -20.47
CA ASN B 199 -5.64 -1.99 -20.63
C ASN B 199 -4.59 -2.89 -20.00
N PHE B 200 -3.32 -2.48 -20.04
CA PHE B 200 -2.26 -3.28 -19.42
C PHE B 200 -2.24 -3.09 -17.92
N ALA B 201 -2.22 -1.84 -17.46
CA ALA B 201 -2.11 -1.58 -16.03
C ALA B 201 -3.33 -2.06 -15.26
N VAL B 202 -4.52 -1.61 -15.66
CA VAL B 202 -5.73 -1.89 -14.89
C VAL B 202 -6.27 -3.28 -15.23
N ASP B 203 -6.53 -3.54 -16.51
CA ASP B 203 -7.24 -4.76 -16.87
C ASP B 203 -6.36 -6.00 -16.74
N ILE B 204 -5.11 -5.91 -17.18
CA ILE B 204 -4.22 -7.07 -17.19
C ILE B 204 -3.51 -7.24 -15.85
N CYS B 205 -2.91 -6.17 -15.33
CA CYS B 205 -2.16 -6.23 -14.08
C CYS B 205 -3.02 -6.08 -12.85
N GLY B 206 -4.31 -5.74 -12.99
CA GLY B 206 -5.15 -5.54 -11.83
C GLY B 206 -4.80 -4.33 -10.99
N ALA B 207 -4.15 -3.32 -11.57
CA ALA B 207 -3.78 -2.15 -10.80
C ALA B 207 -4.99 -1.28 -10.51
N ASN B 208 -4.99 -0.66 -9.34
CA ASN B 208 -6.09 0.22 -8.93
C ASN B 208 -5.77 1.64 -9.37
N PRO B 209 -6.55 2.23 -10.28
CA PRO B 209 -6.26 3.60 -10.75
C PRO B 209 -6.79 4.66 -9.78
N ASN B 210 -6.24 4.67 -8.57
CA ASN B 210 -6.66 5.60 -7.53
C ASN B 210 -5.57 6.61 -7.18
N TRP B 211 -4.59 6.79 -8.08
CA TRP B 211 -3.53 7.77 -7.85
C TRP B 211 -4.03 9.14 -8.26
N THR B 212 -4.41 9.95 -7.28
CA THR B 212 -4.87 11.31 -7.50
C THR B 212 -4.12 12.26 -6.58
N MET B 213 -4.11 13.54 -6.95
CA MET B 213 -3.68 14.57 -6.01
C MET B 213 -4.75 14.87 -4.97
N SER B 214 -6.00 14.49 -5.24
CA SER B 214 -7.06 14.58 -4.24
C SER B 214 -6.72 13.76 -3.00
N LYS B 215 -6.15 12.57 -3.20
CA LYS B 215 -5.80 11.69 -2.10
C LYS B 215 -4.38 11.91 -1.60
N PHE B 216 -3.47 12.34 -2.47
CA PHE B 216 -2.07 12.44 -2.11
C PHE B 216 -1.78 13.63 -1.19
N VAL B 217 -2.59 14.69 -1.27
CA VAL B 217 -2.32 15.88 -0.46
C VAL B 217 -2.38 15.56 1.02
N ASP B 218 -3.39 14.78 1.44
CA ASP B 218 -3.50 14.42 2.85
C ASP B 218 -2.43 13.41 3.25
N GLN B 219 -2.18 12.41 2.40
CA GLN B 219 -1.18 11.39 2.70
C GLN B 219 0.22 12.00 2.79
N GLU B 220 0.51 12.99 1.95
CA GLU B 220 1.83 13.62 1.98
C GLU B 220 1.99 14.52 3.20
N ILE B 221 0.92 15.16 3.65
CA ILE B 221 0.99 16.00 4.84
C ILE B 221 1.29 15.16 6.08
N LEU B 222 0.62 14.01 6.22
CA LEU B 222 0.95 13.08 7.29
C LEU B 222 2.39 12.59 7.15
N ARG B 223 2.84 12.36 5.92
CA ARG B 223 4.20 11.92 5.68
C ARG B 223 5.22 12.96 6.12
N ILE B 224 4.89 14.25 5.93
CA ILE B 224 5.80 15.32 6.34
C ILE B 224 5.80 15.47 7.85
N ARG B 225 4.62 15.41 8.48
CA ARG B 225 4.54 15.58 9.93
C ARG B 225 5.25 14.45 10.66
N LYS B 226 5.12 13.22 10.16
CA LYS B 226 5.81 12.10 10.80
C LYS B 226 7.32 12.20 10.61
N LEU B 227 7.78 12.77 9.49
CA LEU B 227 9.20 12.92 9.23
C LEU B 227 9.80 14.04 10.06
N VAL B 228 9.26 15.26 9.91
CA VAL B 228 9.81 16.41 10.61
C VAL B 228 9.61 16.28 12.11
N GLY B 229 8.44 15.80 12.52
CA GLY B 229 8.14 15.66 13.94
C GLY B 229 7.12 16.67 14.42
N GLU B 230 7.28 17.13 15.67
CA GLU B 230 6.36 18.09 16.25
C GLU B 230 7.05 19.34 16.79
N THR B 231 8.37 19.39 16.81
CA THR B 231 9.10 20.55 17.31
C THR B 231 10.15 21.09 16.36
N ASP B 232 10.67 20.29 15.44
CA ASP B 232 11.71 20.74 14.53
C ASP B 232 11.17 21.80 13.58
N HIS B 233 12.09 22.62 13.07
CA HIS B 233 11.77 23.66 12.11
C HIS B 233 12.40 23.34 10.75
N VAL B 234 11.75 23.81 9.69
CA VAL B 234 12.17 23.54 8.32
C VAL B 234 12.44 24.87 7.62
N LEU B 235 13.56 24.94 6.91
CA LEU B 235 13.94 26.11 6.14
C LEU B 235 13.82 25.80 4.66
N GLY B 236 13.19 26.72 3.91
CA GLY B 236 13.00 26.53 2.48
C GLY B 236 13.23 27.81 1.73
N ALA B 237 13.26 27.68 0.40
CA ALA B 237 13.44 28.80 -0.51
C ALA B 237 12.20 28.98 -1.36
N VAL B 238 11.85 30.23 -1.63
CA VAL B 238 10.72 30.57 -2.48
C VAL B 238 11.17 31.58 -3.53
N SER B 239 10.44 31.60 -4.63
CA SER B 239 10.77 32.54 -5.71
C SER B 239 9.53 33.01 -6.46
N GLY B 240 8.32 32.70 -5.98
CA GLY B 240 7.11 33.00 -6.72
C GLY B 240 6.73 31.97 -7.76
N GLY B 241 7.65 31.09 -8.15
CA GLY B 241 7.33 30.07 -9.11
C GLY B 241 6.32 29.07 -8.58
N VAL B 242 5.70 28.34 -9.51
CA VAL B 242 4.65 27.39 -9.14
C VAL B 242 5.20 26.29 -8.24
N ASP B 243 6.39 25.77 -8.58
CA ASP B 243 6.93 24.65 -7.82
C ASP B 243 7.29 25.06 -6.40
N SER B 244 8.01 26.17 -6.25
CA SER B 244 8.40 26.61 -4.92
C SER B 244 7.20 27.06 -4.09
N THR B 245 6.12 27.48 -4.74
CA THR B 245 4.92 27.89 -4.01
C THR B 245 4.14 26.68 -3.50
N VAL B 246 3.97 25.66 -4.34
CA VAL B 246 3.24 24.47 -3.91
C VAL B 246 3.99 23.75 -2.81
N ALA B 247 5.32 23.68 -2.90
CA ALA B 247 6.10 23.01 -1.86
C ALA B 247 6.04 23.77 -0.55
N ALA B 248 6.08 25.10 -0.59
CA ALA B 248 6.03 25.89 0.63
C ALA B 248 4.66 25.83 1.27
N LYS B 249 3.60 25.88 0.46
CA LYS B 249 2.25 25.76 1.00
C LYS B 249 2.01 24.38 1.61
N LEU B 250 2.61 23.34 1.03
CA LEU B 250 2.45 22.00 1.59
C LEU B 250 3.10 21.88 2.96
N MET B 251 4.26 22.52 3.14
CA MET B 251 4.91 22.52 4.45
C MET B 251 4.11 23.33 5.46
N LYS B 252 3.52 24.44 5.01
CA LYS B 252 2.73 25.27 5.92
C LYS B 252 1.50 24.53 6.42
N GLU B 253 0.88 23.72 5.56
CA GLU B 253 -0.28 22.94 5.97
C GLU B 253 0.09 21.76 6.86
N ALA B 254 1.38 21.44 6.98
CA ALA B 254 1.85 20.32 7.79
C ALA B 254 2.37 20.75 9.16
N ILE B 255 3.20 21.79 9.19
CA ILE B 255 3.81 22.23 10.45
C ILE B 255 3.54 23.69 10.76
N GLY B 256 2.92 24.44 9.86
CA GLY B 256 2.53 25.80 10.19
C GLY B 256 3.72 26.74 10.20
N ASP B 257 3.80 27.59 11.22
CA ASP B 257 4.86 28.58 11.33
C ASP B 257 6.22 27.97 11.60
N ARG B 258 6.31 26.67 11.87
CA ARG B 258 7.61 26.05 12.07
C ARG B 258 8.39 25.93 10.77
N PHE B 259 7.73 26.07 9.63
CA PHE B 259 8.41 26.15 8.34
C PHE B 259 8.66 27.60 7.98
N HIS B 260 9.92 27.92 7.64
CA HIS B 260 10.33 29.28 7.31
C HIS B 260 10.77 29.32 5.86
N ALA B 261 10.09 30.15 5.06
CA ALA B 261 10.44 30.35 3.66
C ALA B 261 11.22 31.64 3.52
N VAL B 262 12.22 31.62 2.64
CA VAL B 262 13.09 32.77 2.39
C VAL B 262 13.02 33.12 0.92
N LEU B 263 12.67 34.36 0.63
CA LEU B 263 12.58 34.89 -0.73
C LEU B 263 13.75 35.83 -0.97
N VAL B 264 14.65 35.44 -1.86
CA VAL B 264 15.84 36.23 -2.17
C VAL B 264 15.57 37.04 -3.43
N ASN B 265 15.81 38.35 -3.35
CA ASN B 265 15.64 39.25 -4.48
C ASN B 265 17.01 39.54 -5.07
N ASN B 266 17.30 38.99 -6.24
CA ASN B 266 18.58 39.19 -6.91
C ASN B 266 18.62 40.45 -7.76
N GLY B 267 17.67 41.35 -7.57
CA GLY B 267 17.61 42.56 -8.37
C GLY B 267 17.21 42.35 -9.82
N CYS B 268 16.99 41.11 -10.25
CA CYS B 268 16.62 40.80 -11.62
C CYS B 268 15.25 40.13 -11.70
N MET B 269 14.34 40.52 -10.81
CA MET B 269 12.97 40.06 -10.87
C MET B 269 12.13 41.03 -11.70
N ARG B 270 10.89 40.63 -11.97
CA ARG B 270 10.00 41.48 -12.74
C ARG B 270 9.49 42.65 -11.89
N LEU B 271 8.81 43.59 -12.54
CA LEU B 271 8.36 44.80 -11.88
C LEU B 271 7.39 44.48 -10.75
N ASN B 272 7.75 44.88 -9.53
CA ASN B 272 6.96 44.65 -8.32
C ASN B 272 6.65 43.17 -8.11
N GLU B 273 7.46 42.28 -8.68
CA GLU B 273 7.26 40.85 -8.45
C GLU B 273 7.63 40.47 -7.03
N CYS B 274 8.65 41.12 -6.46
CA CYS B 274 9.05 40.80 -5.09
C CYS B 274 8.00 41.17 -4.07
N GLU B 275 7.17 42.18 -4.37
CA GLU B 275 6.11 42.58 -3.45
C GLU B 275 4.80 41.83 -3.71
N THR B 276 4.53 41.45 -4.96
CA THR B 276 3.33 40.67 -5.25
C THR B 276 3.48 39.23 -4.77
N VAL B 277 4.70 38.67 -4.86
CA VAL B 277 4.93 37.32 -4.36
C VAL B 277 4.85 37.29 -2.85
N ALA B 278 5.47 38.27 -2.18
CA ALA B 278 5.41 38.32 -0.72
C ALA B 278 3.99 38.52 -0.22
N GLU B 279 3.14 39.15 -1.02
CA GLU B 279 1.75 39.35 -0.62
C GLU B 279 0.97 38.05 -0.66
N THR B 280 1.14 37.27 -1.73
CA THR B 280 0.41 36.01 -1.86
C THR B 280 0.93 34.95 -0.90
N LEU B 281 2.23 34.96 -0.61
CA LEU B 281 2.80 33.94 0.26
C LEU B 281 2.52 34.24 1.73
N ASN B 282 2.76 35.49 2.15
CA ASN B 282 2.68 35.81 3.57
C ASN B 282 1.27 36.14 4.02
N LYS B 283 0.42 36.66 3.13
CA LYS B 283 -0.93 37.09 3.48
C LYS B 283 -2.00 36.19 2.89
N HIS B 284 -1.91 35.86 1.60
CA HIS B 284 -2.96 35.07 0.97
C HIS B 284 -2.83 33.58 1.26
N LEU B 285 -1.61 33.10 1.50
CA LEU B 285 -1.39 31.69 1.80
C LEU B 285 -0.99 31.41 3.24
N GLY B 286 -0.48 32.42 3.95
CA GLY B 286 -0.15 32.25 5.35
C GLY B 286 1.21 31.64 5.62
N ILE B 287 2.13 31.71 4.68
CA ILE B 287 3.48 31.16 4.86
C ILE B 287 4.32 32.17 5.63
N ASN B 288 5.05 31.68 6.63
CA ASN B 288 6.00 32.52 7.34
C ASN B 288 7.16 32.87 6.42
N LEU B 289 7.04 33.98 5.70
CA LEU B 289 8.00 34.37 4.68
C LEU B 289 9.00 35.39 5.22
N THR B 290 10.15 35.45 4.56
CA THR B 290 11.19 36.42 4.88
C THR B 290 11.84 36.85 3.58
N VAL B 291 11.85 38.16 3.32
CA VAL B 291 12.36 38.72 2.08
C VAL B 291 13.72 39.37 2.37
N VAL B 292 14.74 38.95 1.64
CA VAL B 292 16.07 39.55 1.73
C VAL B 292 16.37 40.22 0.38
N ASP B 293 16.79 41.47 0.43
CA ASP B 293 17.04 42.26 -0.77
C ASP B 293 18.54 42.28 -1.02
N ALA B 294 18.99 41.42 -1.92
CA ALA B 294 20.39 41.34 -2.35
C ALA B 294 20.56 41.90 -3.76
N SER B 295 19.80 42.94 -4.09
CA SER B 295 19.86 43.53 -5.43
C SER B 295 21.21 44.16 -5.70
N LYS B 296 21.71 44.97 -4.75
CA LYS B 296 23.00 45.62 -4.95
C LYS B 296 24.14 44.61 -4.91
N ARG B 297 24.04 43.59 -4.06
CA ARG B 297 25.11 42.61 -3.94
C ARG B 297 25.28 41.81 -5.22
N PHE B 298 24.16 41.45 -5.87
CA PHE B 298 24.25 40.70 -7.12
C PHE B 298 24.72 41.60 -8.27
N LEU B 299 24.07 42.75 -8.44
CA LEU B 299 24.32 43.59 -9.61
C LEU B 299 25.71 44.21 -9.59
N ASP B 300 26.29 44.41 -8.40
CA ASP B 300 27.64 44.95 -8.34
C ASP B 300 28.68 43.93 -8.78
N GLY B 301 28.52 42.67 -8.36
CA GLY B 301 29.41 41.63 -8.81
C GLY B 301 29.18 41.20 -10.25
N LEU B 302 27.98 41.46 -10.79
CA LEU B 302 27.70 41.17 -12.19
C LEU B 302 28.41 42.13 -13.13
N LYS B 303 28.82 43.30 -12.64
CA LYS B 303 29.47 44.31 -13.47
C LYS B 303 30.82 43.80 -13.94
N GLY B 304 30.95 43.59 -15.25
CA GLY B 304 32.19 43.15 -15.87
C GLY B 304 32.15 41.71 -16.35
N VAL B 305 31.29 40.88 -15.75
CA VAL B 305 31.21 39.48 -16.13
C VAL B 305 30.54 39.35 -17.48
N THR B 306 31.35 39.18 -18.54
CA THR B 306 30.83 39.00 -19.89
C THR B 306 30.65 37.54 -20.26
N ASP B 307 31.47 36.65 -19.70
CA ASP B 307 31.35 35.23 -19.99
C ASP B 307 30.08 34.67 -19.36
N PRO B 308 29.19 34.06 -20.13
CA PRO B 308 27.94 33.56 -19.55
C PRO B 308 28.13 32.41 -18.57
N GLU B 309 29.15 31.58 -18.76
CA GLU B 309 29.43 30.53 -17.79
C GLU B 309 29.88 31.12 -16.46
N LYS B 310 30.74 32.13 -16.49
CA LYS B 310 31.17 32.78 -15.26
C LYS B 310 30.03 33.56 -14.61
N LYS B 311 29.05 34.00 -15.40
CA LYS B 311 27.90 34.68 -14.83
C LYS B 311 27.03 33.72 -14.01
N ARG B 312 26.75 32.54 -14.57
CA ARG B 312 25.92 31.57 -13.86
C ARG B 312 26.61 31.08 -12.59
N MET B 313 27.94 31.05 -12.58
CA MET B 313 28.66 30.69 -11.36
C MET B 313 28.45 31.74 -10.28
N PHE B 314 28.49 33.02 -10.64
CA PHE B 314 28.34 34.08 -9.65
C PHE B 314 26.92 34.12 -9.10
N ILE B 315 25.92 33.79 -9.91
CA ILE B 315 24.54 33.81 -9.43
C ILE B 315 24.35 32.73 -8.38
N GLY B 316 24.77 31.50 -8.67
CA GLY B 316 24.59 30.42 -7.72
C GLY B 316 25.43 30.58 -6.46
N ALA B 317 26.70 30.97 -6.63
CA ALA B 317 27.58 31.11 -5.47
C ALA B 317 27.11 32.21 -4.54
N THR B 318 26.69 33.35 -5.09
CA THR B 318 26.22 34.45 -4.25
C THR B 318 24.87 34.11 -3.62
N PHE B 319 23.98 33.46 -4.38
CA PHE B 319 22.68 33.08 -3.83
C PHE B 319 22.83 32.19 -2.61
N ILE B 320 23.83 31.28 -2.63
CA ILE B 320 24.03 30.39 -1.50
C ILE B 320 24.61 31.14 -0.32
N ASP B 321 25.56 32.04 -0.56
CA ASP B 321 26.10 32.85 0.52
C ASP B 321 25.03 33.74 1.14
N VAL B 322 24.13 34.27 0.31
CA VAL B 322 23.04 35.08 0.84
C VAL B 322 22.04 34.21 1.58
N PHE B 323 21.76 33.02 1.05
CA PHE B 323 20.76 32.16 1.67
C PHE B 323 21.24 31.61 3.01
N GLU B 324 22.51 31.19 3.09
CA GLU B 324 23.02 30.65 4.34
C GLU B 324 23.14 31.73 5.41
N GLU B 325 23.32 32.99 5.01
CA GLU B 325 23.30 34.08 5.98
C GLU B 325 21.90 34.25 6.56
N GLU B 326 20.89 34.28 5.70
CA GLU B 326 19.51 34.29 6.19
C GLU B 326 19.17 33.00 6.92
N ALA B 327 19.87 31.90 6.61
CA ALA B 327 19.65 30.66 7.33
C ALA B 327 20.13 30.75 8.78
N GLU B 328 21.39 31.17 8.98
CA GLU B 328 21.93 31.28 10.32
C GLU B 328 21.14 32.28 11.16
N LYS B 329 20.61 33.33 10.54
CA LYS B 329 19.84 34.33 11.28
C LYS B 329 18.47 33.78 11.67
N ILE B 330 17.89 32.90 10.84
CA ILE B 330 16.64 32.26 11.21
C ILE B 330 16.87 31.22 12.31
N GLU B 331 18.01 30.53 12.25
CA GLU B 331 18.34 29.55 13.28
C GLU B 331 18.48 30.22 14.65
N ALA B 332 19.08 31.41 14.68
CA ALA B 332 19.21 32.15 15.94
C ALA B 332 17.85 32.59 16.47
N LEU B 333 16.89 32.85 15.58
CA LEU B 333 15.54 33.18 16.02
C LEU B 333 14.84 31.96 16.60
N ALA B 334 15.10 30.78 16.01
CA ALA B 334 14.54 29.55 16.54
C ALA B 334 15.24 29.11 17.83
N GLU B 335 16.52 29.44 17.97
CA GLU B 335 17.23 29.12 19.20
C GLU B 335 16.67 29.90 20.39
N ASN B 336 16.17 31.11 20.15
CA ASN B 336 15.51 31.90 21.18
C ASN B 336 14.09 31.43 21.46
N SER B 337 13.63 30.36 20.81
CA SER B 337 12.29 29.85 21.00
C SER B 337 12.23 28.48 21.65
N GLY B 338 13.33 27.74 21.68
CA GLY B 338 13.35 26.41 22.24
C GLY B 338 13.37 25.27 21.24
N ALA B 339 13.64 25.56 19.96
CA ALA B 339 13.71 24.55 18.92
C ALA B 339 14.89 24.85 18.01
N LYS B 340 15.04 24.04 16.97
CA LYS B 340 16.15 24.21 16.04
C LYS B 340 15.69 23.88 14.63
N VAL B 341 16.42 24.43 13.66
CA VAL B 341 16.17 24.13 12.25
C VAL B 341 16.90 22.84 11.90
N LYS B 342 16.16 21.87 11.37
CA LYS B 342 16.72 20.56 11.08
C LYS B 342 16.50 20.08 9.66
N TRP B 343 15.60 20.68 8.89
CA TRP B 343 15.27 20.20 7.55
C TRP B 343 15.34 21.34 6.56
N PHE B 344 15.88 21.05 5.37
CA PHE B 344 15.98 22.01 4.28
C PHE B 344 15.03 21.58 3.16
N LEU B 345 14.11 22.46 2.80
CA LEU B 345 13.14 22.16 1.75
C LEU B 345 13.77 22.35 0.38
N GLN B 346 13.66 21.33 -0.46
CA GLN B 346 14.15 21.37 -1.84
C GLN B 346 13.02 20.97 -2.77
N GLY B 347 12.79 21.80 -3.79
CA GLY B 347 11.70 21.56 -4.71
C GLY B 347 12.02 20.57 -5.82
N THR B 348 12.72 19.50 -5.47
CA THR B 348 13.09 18.49 -6.46
C THR B 348 11.84 17.80 -7.01
N LEU B 349 11.74 17.74 -8.33
CA LEU B 349 10.65 17.05 -9.00
C LEU B 349 11.12 15.68 -9.47
N TYR B 350 10.14 14.84 -9.84
CA TYR B 350 10.46 13.50 -10.32
C TYR B 350 11.16 13.52 -11.68
N PRO B 351 10.82 14.43 -12.61
CA PRO B 351 11.63 14.54 -13.83
C PRO B 351 13.09 14.85 -13.56
N ASP B 352 13.40 15.52 -12.45
CA ASP B 352 14.79 15.82 -12.12
C ASP B 352 15.58 14.54 -11.81
N VAL B 353 14.94 13.57 -11.13
CA VAL B 353 15.61 12.31 -10.87
C VAL B 353 15.53 11.37 -12.06
N ILE B 354 14.60 11.60 -12.99
CA ILE B 354 14.55 10.81 -14.21
C ILE B 354 15.79 11.06 -15.06
N GLU B 355 16.18 12.32 -15.20
CA GLU B 355 17.38 12.64 -15.97
C GLU B 355 18.64 12.13 -15.29
N SER B 356 18.60 11.97 -13.96
CA SER B 356 19.77 11.49 -13.22
C SER B 356 19.94 9.98 -13.31
N ILE B 357 18.88 9.24 -13.63
CA ILE B 357 18.93 7.78 -13.71
C ILE B 357 18.55 7.26 -15.09
N SER B 358 18.37 8.14 -16.06
CA SER B 358 18.01 7.70 -17.41
C SER B 358 19.13 6.87 -18.02
N PHE B 359 18.76 5.81 -18.71
CA PHE B 359 19.73 4.89 -19.29
C PHE B 359 20.39 5.53 -20.51
N LYS B 360 21.70 5.78 -20.42
CA LYS B 360 22.47 6.36 -21.50
C LYS B 360 23.22 5.32 -22.32
N GLY B 361 22.89 4.04 -22.17
CA GLY B 361 23.53 2.99 -22.92
C GLY B 361 24.63 2.31 -22.16
N PRO B 362 25.40 1.47 -22.84
CA PRO B 362 26.56 0.82 -22.21
C PRO B 362 27.62 1.83 -21.77
N SER B 363 27.23 2.77 -20.91
CA SER B 363 28.15 3.77 -20.38
C SER B 363 28.35 3.55 -18.89
N ALA B 364 28.43 4.64 -18.12
CA ALA B 364 28.67 4.57 -16.69
C ALA B 364 27.43 4.98 -15.91
N THR B 365 27.13 4.22 -14.85
CA THR B 365 26.07 4.59 -13.94
C THR B 365 26.58 5.69 -13.01
N ILE B 366 25.96 6.87 -13.07
CA ILE B 366 26.43 8.02 -12.32
C ILE B 366 26.05 7.89 -10.85
N LYS B 367 26.85 8.53 -10.00
CA LYS B 367 26.61 8.50 -8.56
C LYS B 367 27.14 9.78 -7.93
N THR B 368 26.68 10.06 -6.71
CA THR B 368 27.09 11.23 -5.94
C THR B 368 27.02 12.52 -6.74
N VAL B 372 23.94 16.45 -5.07
CA VAL B 372 22.50 16.60 -5.11
C VAL B 372 22.12 18.07 -5.31
N GLY B 373 23.12 18.93 -5.39
CA GLY B 373 22.93 20.35 -5.58
C GLY B 373 23.89 21.15 -4.70
N ALA B 374 24.29 22.31 -5.21
CA ALA B 374 25.23 23.14 -4.46
C ALA B 374 24.56 23.82 -3.27
N LEU B 375 23.28 24.16 -3.40
CA LEU B 375 22.58 24.79 -2.27
C LEU B 375 22.26 23.78 -1.17
N PRO B 376 21.71 22.59 -1.45
CA PRO B 376 21.50 21.63 -0.36
C PRO B 376 22.79 21.15 0.28
N LYS B 377 23.89 21.10 -0.48
CA LYS B 377 25.17 20.69 0.10
C LYS B 377 25.62 21.68 1.17
N ARG B 378 25.40 22.98 0.94
CA ARG B 378 25.74 23.97 1.95
C ARG B 378 24.86 23.83 3.18
N MET B 379 23.60 23.44 3.00
CA MET B 379 22.69 23.29 4.14
C MET B 379 22.96 22.02 4.93
N ILE B 380 23.42 20.95 4.28
CA ILE B 380 23.68 19.69 4.96
C ILE B 380 24.99 19.80 5.74
N GLU B 381 26.11 19.87 5.03
CA GLU B 381 27.41 20.08 5.67
C GLU B 381 27.70 21.57 5.72
N GLY B 382 27.86 22.11 6.93
CA GLY B 382 27.99 23.53 7.16
C GLY B 382 26.87 24.12 7.99
N GLN B 383 25.65 23.57 7.84
CA GLN B 383 24.51 23.99 8.64
C GLN B 383 23.82 22.84 9.37
N GLY B 384 24.15 21.59 9.06
CA GLY B 384 23.65 20.46 9.82
C GLY B 384 22.20 20.10 9.59
N MET B 385 21.66 20.39 8.42
CA MET B 385 20.26 20.13 8.11
C MET B 385 20.12 18.95 7.17
N LYS B 386 19.01 18.23 7.28
CA LYS B 386 18.71 17.08 6.44
C LYS B 386 17.68 17.46 5.39
N LEU B 387 17.82 16.90 4.19
CA LEU B 387 16.96 17.28 3.08
C LEU B 387 15.56 16.71 3.25
N ILE B 388 14.57 17.46 2.74
CA ILE B 388 13.19 17.00 2.66
C ILE B 388 12.66 17.42 1.29
N GLU B 389 12.21 16.44 0.50
CA GLU B 389 11.80 16.67 -0.89
C GLU B 389 10.41 16.07 -1.08
N PRO B 390 9.35 16.82 -0.75
CA PRO B 390 8.00 16.29 -0.87
C PRO B 390 7.45 16.26 -2.28
N LEU B 391 8.24 16.62 -3.29
CA LEU B 391 7.77 16.64 -4.67
C LEU B 391 8.58 15.74 -5.58
N ARG B 392 9.52 14.96 -5.04
CA ARG B 392 10.41 14.16 -5.88
C ARG B 392 9.71 13.00 -6.58
N GLU B 393 8.41 12.82 -6.38
CA GLU B 393 7.65 11.76 -7.05
C GLU B 393 6.57 12.30 -7.96
N LEU B 394 6.57 13.59 -8.27
CA LEU B 394 5.51 14.24 -9.02
C LEU B 394 6.05 14.91 -10.27
N PHE B 395 5.24 14.95 -11.31
CA PHE B 395 5.54 15.71 -12.51
C PHE B 395 5.01 17.14 -12.36
N LYS B 396 5.24 17.97 -13.38
CA LYS B 396 4.84 19.36 -13.30
C LYS B 396 3.32 19.51 -13.23
N ASP B 397 2.59 18.73 -14.04
CA ASP B 397 1.14 18.82 -14.04
C ASP B 397 0.55 18.34 -12.72
N GLU B 398 1.20 17.37 -12.06
CA GLU B 398 0.71 16.92 -10.76
C GLU B 398 0.95 17.96 -9.68
N VAL B 399 2.03 18.73 -9.78
CA VAL B 399 2.28 19.81 -8.82
C VAL B 399 1.22 20.90 -8.97
N ARG B 400 0.82 21.20 -10.22
CA ARG B 400 -0.22 22.21 -10.43
C ARG B 400 -1.55 21.76 -9.83
N GLN B 401 -1.89 20.48 -9.95
CA GLN B 401 -3.11 19.99 -9.34
C GLN B 401 -2.99 19.91 -7.83
N LEU B 402 -1.77 19.66 -7.31
CA LEU B 402 -1.56 19.64 -5.87
C LEU B 402 -1.81 21.01 -5.26
N GLY B 403 -1.33 22.06 -5.91
CA GLY B 403 -1.58 23.41 -5.42
C GLY B 403 -3.04 23.78 -5.44
N ARG B 404 -3.79 23.29 -6.43
CA ARG B 404 -5.23 23.54 -6.47
C ARG B 404 -5.93 22.86 -5.30
N GLU B 405 -5.46 21.69 -4.89
CA GLU B 405 -6.02 21.02 -3.73
C GLU B 405 -5.64 21.71 -2.43
N LEU B 406 -4.62 22.55 -2.44
CA LEU B 406 -4.15 23.26 -1.26
C LEU B 406 -4.75 24.64 -1.10
N GLY B 407 -5.67 25.03 -1.97
CA GLY B 407 -6.29 26.34 -1.90
C GLY B 407 -5.59 27.44 -2.65
N ILE B 408 -4.51 27.13 -3.38
CA ILE B 408 -3.81 28.13 -4.15
C ILE B 408 -4.63 28.46 -5.39
N ALA B 409 -4.61 29.73 -5.81
CA ALA B 409 -5.43 30.18 -6.91
C ALA B 409 -5.03 29.46 -8.20
N HIS B 410 -6.05 29.11 -8.99
CA HIS B 410 -5.82 28.45 -10.28
C HIS B 410 -5.00 29.31 -11.23
N GLU B 411 -5.01 30.63 -11.05
CA GLU B 411 -4.23 31.50 -11.93
C GLU B 411 -2.74 31.37 -11.66
N LEU B 412 -2.35 31.22 -10.39
CA LEU B 412 -0.93 31.20 -10.06
C LEU B 412 -0.28 29.90 -10.50
N VAL B 413 -1.00 28.77 -10.38
CA VAL B 413 -0.41 27.49 -10.76
C VAL B 413 -0.21 27.39 -12.27
N MET B 414 -0.85 28.26 -13.05
CA MET B 414 -0.72 28.26 -14.50
C MET B 414 0.35 29.25 -14.98
N ARG B 415 1.10 29.85 -14.08
CA ARG B 415 2.09 30.85 -14.46
C ARG B 415 3.31 30.18 -15.10
N HIS B 416 3.92 30.89 -16.05
CA HIS B 416 5.08 30.37 -16.75
C HIS B 416 6.27 30.26 -15.79
N PRO B 417 7.19 29.33 -16.05
CA PRO B 417 8.37 29.22 -15.18
C PRO B 417 9.30 30.41 -15.33
N PHE B 418 9.88 30.83 -14.21
CA PHE B 418 10.81 31.95 -14.16
C PHE B 418 12.12 31.47 -13.56
N PRO B 419 13.24 31.60 -14.25
CA PRO B 419 14.49 31.02 -13.75
C PRO B 419 14.98 31.70 -12.49
N GLY B 420 15.83 30.98 -11.75
CA GLY B 420 16.42 31.48 -10.53
C GLY B 420 17.11 32.83 -10.69
N PRO B 421 18.09 32.90 -11.59
CA PRO B 421 18.74 34.20 -11.85
C PRO B 421 17.80 35.25 -12.41
N GLY B 422 16.65 34.85 -12.96
CA GLY B 422 15.69 35.83 -13.43
C GLY B 422 16.14 36.49 -14.72
N ILE B 423 16.07 37.82 -14.75
CA ILE B 423 16.48 38.57 -15.93
C ILE B 423 17.98 38.49 -16.15
N ALA B 424 18.75 38.14 -15.11
CA ALA B 424 20.20 38.00 -15.28
C ALA B 424 20.55 36.96 -16.33
N ILE B 425 19.76 35.92 -16.46
CA ILE B 425 19.95 34.96 -17.54
C ILE B 425 19.39 35.51 -18.85
N ARG B 426 18.33 36.32 -18.78
CA ARG B 426 17.72 36.92 -19.96
C ARG B 426 18.37 38.25 -20.34
N VAL B 427 19.63 38.45 -19.97
CA VAL B 427 20.46 39.55 -20.48
C VAL B 427 21.74 38.93 -21.00
N LEU B 428 21.88 38.89 -22.32
CA LEU B 428 23.04 38.26 -22.93
C LEU B 428 24.30 39.05 -22.61
N GLY B 429 25.31 38.35 -22.09
CA GLY B 429 26.56 39.02 -21.71
C GLY B 429 26.49 39.68 -20.35
N GLU B 430 27.13 40.84 -20.23
CA GLU B 430 27.19 41.54 -18.94
C GLU B 430 25.80 42.00 -18.51
N VAL B 431 25.54 41.91 -17.22
CA VAL B 431 24.25 42.28 -16.63
C VAL B 431 24.43 43.57 -15.85
N THR B 432 23.76 44.63 -16.30
CA THR B 432 23.76 45.93 -15.64
C THR B 432 22.34 46.29 -15.22
N PRO B 433 22.19 47.18 -14.23
CA PRO B 433 20.83 47.58 -13.83
C PRO B 433 20.01 48.19 -14.95
N GLU B 434 20.64 48.95 -15.86
CA GLU B 434 19.88 49.53 -16.96
C GLU B 434 19.47 48.46 -17.97
N ARG B 435 20.36 47.51 -18.25
CA ARG B 435 20.00 46.42 -19.16
C ARG B 435 18.89 45.57 -18.59
N VAL B 436 18.88 45.36 -17.27
CA VAL B 436 17.78 44.65 -16.63
C VAL B 436 16.49 45.44 -16.73
N ASP B 437 16.58 46.76 -16.52
CA ASP B 437 15.38 47.60 -16.57
C ASP B 437 14.80 47.66 -17.98
N ILE B 438 15.66 47.66 -19.00
CA ILE B 438 15.16 47.64 -20.38
C ILE B 438 14.51 46.31 -20.69
N ALA B 439 15.15 45.20 -20.29
CA ALA B 439 14.56 43.88 -20.53
C ALA B 439 13.30 43.67 -19.72
N ARG B 440 13.23 44.22 -18.51
CA ARG B 440 12.04 44.08 -17.69
C ARG B 440 10.84 44.77 -18.33
N LYS B 441 11.03 46.01 -18.78
CA LYS B 441 9.93 46.76 -19.38
C LYS B 441 9.53 46.16 -20.73
N ALA B 442 10.51 45.70 -21.50
CA ALA B 442 10.18 45.02 -22.76
C ALA B 442 9.43 43.72 -22.50
N ASP B 443 9.81 43.00 -21.44
CA ASP B 443 9.11 41.77 -21.08
C ASP B 443 7.68 42.07 -20.63
N HIS B 444 7.47 43.19 -19.93
CA HIS B 444 6.14 43.53 -19.45
C HIS B 444 5.18 43.76 -20.61
N ILE B 445 5.65 44.43 -21.66
CA ILE B 445 4.80 44.65 -22.84
C ILE B 445 4.50 43.33 -23.53
N PHE B 446 5.51 42.47 -23.67
CA PHE B 446 5.34 41.21 -24.38
C PHE B 446 4.31 40.32 -23.68
N ILE B 447 4.44 40.16 -22.36
CA ILE B 447 3.54 39.28 -21.63
C ILE B 447 2.14 39.88 -21.56
N SER B 448 2.04 41.21 -21.44
CA SER B 448 0.73 41.85 -21.37
C SER B 448 -0.06 41.61 -22.66
N MET B 449 0.59 41.76 -23.81
CA MET B 449 -0.10 41.55 -25.08
C MET B 449 -0.45 40.08 -25.29
N ILE B 450 0.34 39.16 -24.73
CA ILE B 450 0.00 37.75 -24.79
C ILE B 450 -1.24 37.47 -23.95
N ARG B 451 -1.33 38.08 -22.77
CA ARG B 451 -2.49 37.87 -21.91
C ARG B 451 -3.75 38.47 -22.51
N GLU B 452 -3.65 39.68 -23.06
CA GLU B 452 -4.82 40.35 -23.61
C GLU B 452 -5.32 39.65 -24.87
N ALA B 453 -4.45 38.96 -25.59
CA ALA B 453 -4.83 38.22 -26.78
C ALA B 453 -5.34 36.82 -26.49
N GLY B 454 -5.43 36.45 -25.22
CA GLY B 454 -5.91 35.12 -24.84
C GLY B 454 -4.98 34.00 -25.25
N LEU B 455 -3.67 34.20 -25.11
CA LEU B 455 -2.67 33.23 -25.54
C LEU B 455 -1.74 32.79 -24.42
N TYR B 456 -1.98 33.22 -23.18
CA TYR B 456 -1.05 32.90 -22.10
C TYR B 456 -1.11 31.42 -21.74
N ASP B 457 -2.30 30.84 -21.68
CA ASP B 457 -2.44 29.43 -21.34
C ASP B 457 -2.11 28.50 -22.50
N LYS B 458 -1.73 29.04 -23.66
CA LYS B 458 -1.32 28.24 -24.80
C LYS B 458 0.18 28.28 -25.03
N ILE B 459 0.94 28.98 -24.19
CA ILE B 459 2.38 29.14 -24.33
C ILE B 459 3.04 28.51 -23.11
N SER B 460 4.05 27.67 -23.35
CA SER B 460 4.73 27.01 -22.24
C SER B 460 5.61 28.01 -21.48
N GLN B 461 6.27 28.92 -22.18
CA GLN B 461 7.10 29.92 -21.56
C GLN B 461 7.30 31.08 -22.52
N ALA B 462 7.30 32.30 -21.98
CA ALA B 462 7.47 33.49 -22.80
C ALA B 462 8.22 34.54 -22.01
N TYR B 463 9.09 35.28 -22.69
CA TYR B 463 9.87 36.34 -22.07
C TYR B 463 10.49 37.20 -23.16
N ALA B 464 11.11 38.30 -22.73
CA ALA B 464 11.92 39.14 -23.59
C ALA B 464 13.32 39.24 -23.00
N ALA B 465 14.32 39.18 -23.87
CA ALA B 465 15.71 39.25 -23.46
C ALA B 465 16.40 40.41 -24.17
N LEU B 466 17.37 41.02 -23.47
CA LEU B 466 18.14 42.12 -24.03
C LEU B 466 19.39 41.57 -24.72
N ASP B 467 19.67 42.10 -25.91
CA ASP B 467 20.86 41.75 -26.65
C ASP B 467 21.77 42.97 -26.72
N PRO B 468 22.97 42.92 -26.13
CA PRO B 468 23.84 44.11 -26.13
C PRO B 468 24.38 44.48 -27.51
N SER B 469 24.16 43.65 -28.52
CA SER B 469 24.60 43.99 -29.87
C SER B 469 23.85 45.21 -30.38
N LYS B 470 24.56 46.02 -31.17
CA LYS B 470 24.04 47.30 -31.62
C LYS B 470 23.43 47.18 -33.01
N ALA B 471 22.19 47.65 -33.15
CA ALA B 471 21.54 47.84 -34.43
C ALA B 471 21.17 49.30 -34.58
N VAL B 472 20.81 49.70 -35.80
CA VAL B 472 20.63 51.11 -36.13
C VAL B 472 19.15 51.42 -36.25
N GLY B 473 18.80 52.65 -35.85
CA GLY B 473 17.46 53.17 -36.00
C GLY B 473 17.50 54.61 -36.50
N VAL B 474 16.32 55.17 -36.71
CA VAL B 474 16.18 56.51 -37.27
C VAL B 474 15.44 57.37 -36.25
N MET B 475 16.18 57.94 -35.31
CA MET B 475 15.61 58.86 -34.32
C MET B 475 15.47 60.23 -34.96
N GLY B 476 14.27 60.53 -35.46
CA GLY B 476 14.03 61.76 -36.18
C GLY B 476 14.83 61.82 -37.47
N ASP B 477 16.04 62.38 -37.39
CA ASP B 477 16.96 62.41 -38.52
C ASP B 477 18.33 61.83 -38.22
N LYS B 478 18.70 61.67 -36.96
CA LYS B 478 20.01 61.16 -36.59
C LYS B 478 19.99 59.64 -36.55
N ARG B 479 21.12 59.04 -36.96
CA ARG B 479 21.28 57.59 -36.91
C ARG B 479 21.67 57.17 -35.51
N VAL B 480 20.80 56.41 -34.84
CA VAL B 480 21.00 56.00 -33.46
C VAL B 480 21.29 54.51 -33.43
N TYR B 481 22.30 54.12 -32.64
CA TYR B 481 22.62 52.73 -32.39
C TYR B 481 22.20 52.39 -30.97
N ALA B 482 21.35 51.37 -30.83
CA ALA B 482 20.83 50.96 -29.54
C ALA B 482 20.88 49.44 -29.44
N GLU B 483 20.49 48.92 -28.28
CA GLU B 483 20.50 47.50 -28.03
C GLU B 483 19.27 46.83 -28.65
N ILE B 484 19.21 45.51 -28.55
CA ILE B 484 18.23 44.70 -29.25
C ILE B 484 17.41 43.91 -28.23
N ILE B 485 16.10 43.83 -28.46
CA ILE B 485 15.20 43.01 -27.65
C ILE B 485 14.89 41.74 -28.43
N ILE B 486 15.02 40.59 -27.76
CA ILE B 486 14.72 39.29 -28.35
C ILE B 486 13.47 38.75 -27.66
N LEU B 487 12.47 38.40 -28.45
CA LEU B 487 11.24 37.81 -27.94
C LEU B 487 11.30 36.29 -28.06
N ARG B 488 10.84 35.60 -27.02
CA ARG B 488 10.90 34.15 -26.96
C ARG B 488 9.57 33.62 -26.46
N ALA B 489 9.01 32.63 -27.18
CA ALA B 489 7.75 32.01 -26.79
C ALA B 489 7.61 30.70 -27.55
N VAL B 490 7.35 29.61 -26.82
CA VAL B 490 7.26 28.27 -27.40
C VAL B 490 6.05 27.56 -26.82
N GLU B 491 5.77 26.38 -27.36
CA GLU B 491 4.73 25.49 -26.85
C GLU B 491 5.27 24.07 -26.82
N THR B 492 5.19 23.42 -25.66
CA THR B 492 5.78 22.11 -25.48
C THR B 492 4.89 21.02 -26.06
N THR B 493 5.52 20.00 -26.63
CA THR B 493 4.82 18.85 -27.21
C THR B 493 5.42 17.58 -26.60
N ASP B 494 4.62 16.90 -25.78
CA ASP B 494 5.06 15.70 -25.06
C ASP B 494 6.18 16.02 -24.07
N PHE B 495 6.05 17.14 -23.37
CA PHE B 495 7.04 17.60 -22.39
C PHE B 495 8.42 17.77 -23.03
N MET B 496 8.45 18.00 -24.35
CA MET B 496 9.68 18.17 -25.11
C MET B 496 9.34 18.74 -26.48
N THR B 497 10.27 18.60 -27.44
CA THR B 497 10.03 18.94 -28.84
C THR B 497 9.29 20.26 -29.03
N ALA B 498 9.55 21.23 -28.15
CA ALA B 498 8.83 22.49 -28.20
C ALA B 498 9.22 23.29 -29.44
N ARG B 499 8.23 23.96 -30.02
CA ARG B 499 8.42 24.77 -31.22
C ARG B 499 7.95 26.19 -30.93
N ALA B 500 8.54 27.15 -31.65
CA ALA B 500 8.18 28.55 -31.46
C ALA B 500 6.68 28.74 -31.71
N PHE B 501 6.04 29.49 -30.81
CA PHE B 501 4.59 29.63 -30.87
C PHE B 501 4.18 30.29 -32.18
N PRO B 502 3.24 29.71 -32.93
CA PRO B 502 2.84 30.30 -34.21
C PRO B 502 2.00 31.55 -34.04
N PHE B 503 2.62 32.66 -33.63
CA PHE B 503 1.92 33.92 -33.51
C PHE B 503 1.44 34.39 -34.88
N ASP B 504 0.29 35.05 -34.89
CA ASP B 504 -0.13 35.77 -36.08
C ASP B 504 0.87 36.89 -36.37
N ASN B 505 1.21 37.05 -37.65
CA ASN B 505 2.28 37.97 -38.01
C ASN B 505 1.94 39.41 -37.68
N GLU B 506 0.64 39.76 -37.59
CA GLU B 506 0.27 41.10 -37.18
C GLU B 506 0.49 41.30 -35.68
N PHE B 507 0.44 40.22 -34.90
CA PHE B 507 0.69 40.32 -33.47
C PHE B 507 2.16 40.64 -33.19
N LEU B 508 3.07 40.03 -33.95
CA LEU B 508 4.50 40.25 -33.72
C LEU B 508 4.90 41.66 -34.15
N SER B 509 4.37 42.14 -35.26
CA SER B 509 4.70 43.49 -35.73
C SER B 509 4.20 44.55 -34.75
N LYS B 510 2.95 44.41 -34.29
CA LYS B 510 2.42 45.40 -33.36
C LYS B 510 3.15 45.37 -32.02
N CYS B 511 3.59 44.19 -31.57
CA CYS B 511 4.36 44.12 -30.33
C CYS B 511 5.76 44.68 -30.53
N ALA B 512 6.36 44.43 -31.69
CA ALA B 512 7.69 44.97 -31.97
C ALA B 512 7.64 46.49 -32.07
N THR B 513 6.56 47.04 -32.64
CA THR B 513 6.43 48.49 -32.73
C THR B 513 6.22 49.11 -31.36
N ARG B 514 5.41 48.48 -30.51
CA ARG B 514 5.17 49.00 -29.18
C ARG B 514 6.44 48.98 -28.33
N ILE B 515 7.25 47.92 -28.47
CA ILE B 515 8.48 47.81 -27.68
C ILE B 515 9.47 48.90 -28.07
N ILE B 516 9.67 49.10 -29.37
CA ILE B 516 10.61 50.12 -29.84
C ILE B 516 10.13 51.51 -29.45
N ASN B 517 8.81 51.73 -29.43
CA ASN B 517 8.28 53.05 -29.10
C ASN B 517 8.34 53.34 -27.60
N GLU B 518 7.97 52.36 -26.77
CA GLU B 518 7.74 52.61 -25.35
C GLU B 518 8.92 52.30 -24.46
N VAL B 519 9.92 51.57 -24.94
CA VAL B 519 11.09 51.21 -24.16
C VAL B 519 12.31 51.90 -24.77
N HIS B 520 13.10 52.56 -23.93
CA HIS B 520 14.28 53.27 -24.40
C HIS B 520 15.42 52.30 -24.71
N GLY B 521 16.34 52.77 -25.54
CA GLY B 521 17.54 51.99 -25.86
C GLY B 521 17.26 50.71 -26.61
N VAL B 522 16.17 50.66 -27.39
CA VAL B 522 15.81 49.49 -28.18
C VAL B 522 15.66 49.93 -29.62
N SER B 523 16.50 49.40 -30.50
CA SER B 523 16.46 49.73 -31.91
C SER B 523 15.80 48.65 -32.76
N ARG B 524 15.82 47.40 -32.32
CA ARG B 524 15.24 46.30 -33.06
C ARG B 524 14.60 45.30 -32.11
N VAL B 525 13.59 44.60 -32.60
CA VAL B 525 12.93 43.53 -31.87
C VAL B 525 13.00 42.27 -32.73
N LEU B 526 13.51 41.19 -32.15
CA LEU B 526 13.67 39.92 -32.84
C LEU B 526 12.84 38.85 -32.15
N TYR B 527 12.24 37.96 -32.95
CA TYR B 527 11.48 36.83 -32.43
C TYR B 527 12.28 35.56 -32.66
N ASP B 528 12.52 34.83 -31.57
CA ASP B 528 13.26 33.57 -31.66
C ASP B 528 12.39 32.52 -32.33
N ILE B 529 12.89 31.94 -33.42
CA ILE B 529 12.19 30.90 -34.15
C ILE B 529 12.84 29.54 -33.97
N SER B 530 13.81 29.42 -33.07
CA SER B 530 14.47 28.14 -32.84
C SER B 530 13.56 27.21 -32.04
N SER B 531 13.41 25.99 -32.50
CA SER B 531 12.64 24.98 -31.78
C SER B 531 13.49 24.30 -30.72
N LYS B 532 12.84 23.54 -29.84
CA LYS B 532 13.53 23.02 -28.67
C LYS B 532 14.55 21.94 -28.99
N PRO B 533 14.25 20.91 -29.79
CA PRO B 533 15.24 19.83 -30.02
C PRO B 533 16.57 20.35 -30.55
N PRO B 534 16.58 21.36 -31.46
CA PRO B 534 17.88 21.92 -31.86
C PRO B 534 18.53 22.80 -30.79
N ALA B 535 17.79 23.76 -30.25
CA ALA B 535 18.34 24.80 -29.39
C ALA B 535 17.91 24.56 -27.95
N THR B 536 17.79 25.63 -27.18
CA THR B 536 17.29 25.58 -25.80
C THR B 536 16.16 26.59 -25.65
N ILE B 537 15.45 26.50 -24.53
CA ILE B 537 14.34 27.41 -24.29
C ILE B 537 14.84 28.76 -23.80
N GLU B 538 15.69 28.76 -22.78
CA GLU B 538 16.28 29.99 -22.27
C GLU B 538 17.46 30.40 -23.15
N MET B 539 17.97 31.61 -22.89
CA MET B 539 19.09 32.14 -23.66
C MET B 539 20.44 31.75 -23.10
N GLU B 540 20.55 31.61 -21.78
CA GLU B 540 21.81 31.20 -21.16
C GLU B 540 21.58 30.06 -20.17
#